data_4DRS
#
_entry.id   4DRS
#
_cell.length_a   129.895
_cell.length_b   136.941
_cell.length_c   77.233
_cell.angle_alpha   90.00
_cell.angle_beta   90.00
_cell.angle_gamma   90.00
#
_symmetry.space_group_name_H-M   'P 21 21 2'
#
loop_
_entity.id
_entity.type
_entity.pdbx_description
1 polymer 'Pyruvate kinase'
2 non-polymer 'SULFATE ION'
3 non-polymer GLYCEROL
4 non-polymer 'ACETATE ION'
5 water water
#
_entity_poly.entity_id   1
_entity_poly.type   'polypeptide(L)'
_entity_poly.pdbx_seq_one_letter_code
;MISNDHLKRLASTSAVMSCTLGKATCLGMDKICSPLADNDVTQRKTQIICTIGPSCNNVESLIGLIDKGMSVARLNFSHG
DHESHFKTLQNIREAAKARPHSTVGIMLDTKGPEIRTGMLEGGKPIELKAGQTLKITTDYSMLGNSECISCSYSLLPKSV
QIGSTVLIADGSLSTQVLEIGDDFIVCKVLNSVTIGERKNMNLPGCKVHLPIIGDKDRHDIVDFALKYNLDFIALSFVQN
GADVQLCRQIISENTQYSNGIPSSIKIISKIENLEGVINFDSICSESDGIMVARGDLGMEIPPEKIFVAQKCMISKCNVA
GKPVVTATQMLESMIKSNRPTRAEMTDVANAVLDGSDCVMLSGETANGAFPFDAVNVMSRVCAQAETCIDYPVLYHAIHS
SVPKPVAVPEAIACSAVESAHDVNAKLIITITETGNTARLISKYRPSQTIIACTAKPEVARGLKIARGVKTYVLNSIHHS
EVVISNALALAKEESLIESGDFAIAVHGVKESCPGSCNLMKIVRCP
;
_entity_poly.pdbx_strand_id   A,B
#
loop_
_chem_comp.id
_chem_comp.type
_chem_comp.name
_chem_comp.formula
ACT non-polymer 'ACETATE ION' 'C2 H3 O2 -1'
GOL non-polymer GLYCEROL 'C3 H8 O3'
SO4 non-polymer 'SULFATE ION' 'O4 S -2'
#
# COMPACT_ATOMS: atom_id res chain seq x y z
N LYS A 23 1.23 14.43 -13.19
CA LYS A 23 2.10 15.49 -13.77
C LYS A 23 3.58 15.19 -13.50
N ALA A 24 3.95 15.16 -12.22
CA ALA A 24 5.31 14.78 -11.82
C ALA A 24 5.46 13.26 -11.90
N THR A 25 4.38 12.55 -11.59
CA THR A 25 4.33 11.09 -11.66
C THR A 25 4.46 10.59 -13.10
N CYS A 26 3.94 11.36 -14.05
CA CYS A 26 3.98 10.97 -15.45
C CYS A 26 5.32 11.21 -16.14
N LEU A 27 6.03 12.25 -15.70
CA LEU A 27 7.40 12.50 -16.17
C LEU A 27 8.32 11.33 -15.80
N GLY A 28 8.04 10.72 -14.65
CA GLY A 28 8.76 9.53 -14.20
C GLY A 28 8.49 8.31 -15.06
N MET A 29 7.27 8.20 -15.58
CA MET A 29 6.87 7.08 -16.43
C MET A 29 7.56 7.12 -17.80
N ASP A 30 7.80 8.33 -18.29
CA ASP A 30 8.50 8.54 -19.56
C ASP A 30 9.96 8.09 -19.49
N LYS A 31 10.52 8.10 -18.28
CA LYS A 31 11.90 7.66 -18.03
C LYS A 31 12.01 6.16 -17.84
N ILE A 32 10.92 5.53 -17.41
CA ILE A 32 10.86 4.08 -17.19
C ILE A 32 11.12 3.33 -18.49
N THR A 42 20.69 12.23 -7.84
CA THR A 42 19.51 12.44 -6.92
C THR A 42 19.32 11.27 -5.96
N GLN A 43 19.89 11.40 -4.76
CA GLN A 43 19.84 10.33 -3.77
C GLN A 43 18.61 10.41 -2.86
N ARG A 44 18.25 9.27 -2.28
CA ARG A 44 17.11 9.13 -1.38
C ARG A 44 17.16 10.10 -0.19
N LYS A 45 16.00 10.68 0.13
CA LYS A 45 15.90 11.66 1.22
C LYS A 45 15.32 11.05 2.49
N THR A 46 14.32 10.18 2.32
CA THR A 46 13.69 9.50 3.45
C THR A 46 14.69 8.59 4.15
N GLN A 47 14.78 8.76 5.47
CA GLN A 47 15.70 7.98 6.27
C GLN A 47 15.15 6.58 6.53
N ILE A 48 16.04 5.63 6.74
CA ILE A 48 15.66 4.24 6.93
C ILE A 48 16.15 3.73 8.28
N ILE A 49 15.20 3.26 9.09
CA ILE A 49 15.51 2.59 10.35
C ILE A 49 15.42 1.08 10.17
N CYS A 50 16.44 0.36 10.63
CA CYS A 50 16.44 -1.11 10.60
C CYS A 50 16.51 -1.66 12.00
N THR A 51 15.65 -2.63 12.30
CA THR A 51 15.66 -3.31 13.57
C THR A 51 16.70 -4.41 13.53
N ILE A 52 17.61 -4.38 14.50
CA ILE A 52 18.70 -5.35 14.55
C ILE A 52 18.34 -6.52 15.46
N GLY A 53 18.38 -7.72 14.89
CA GLY A 53 18.15 -8.93 15.65
C GLY A 53 19.11 -10.03 15.25
N PRO A 54 18.79 -11.29 15.58
CA PRO A 54 19.66 -12.44 15.32
C PRO A 54 20.15 -12.54 13.87
N SER A 55 19.27 -12.25 12.91
CA SER A 55 19.58 -12.39 11.48
C SER A 55 20.65 -11.43 10.96
N CYS A 56 20.92 -10.34 11.69
CA CYS A 56 21.87 -9.34 11.23
C CYS A 56 22.66 -8.69 12.36
N ASN A 57 22.99 -9.49 13.37
CA ASN A 57 23.66 -9.02 14.57
C ASN A 57 25.18 -8.82 14.44
N ASN A 58 25.78 -9.44 13.43
CA ASN A 58 27.23 -9.39 13.27
C ASN A 58 27.71 -8.19 12.44
N VAL A 59 28.97 -7.84 12.60
CA VAL A 59 29.61 -6.67 11.95
C VAL A 59 29.41 -6.67 10.43
N GLU A 60 29.70 -7.81 9.80
CA GLU A 60 29.58 -7.95 8.35
C GLU A 60 28.17 -7.60 7.85
N SER A 61 27.15 -8.14 8.53
CA SER A 61 25.77 -7.87 8.18
C SER A 61 25.39 -6.40 8.38
N LEU A 62 25.90 -5.82 9.47
CA LEU A 62 25.61 -4.42 9.79
C LEU A 62 26.23 -3.46 8.77
N ILE A 63 27.44 -3.75 8.33
CA ILE A 63 28.10 -3.02 7.25
C ILE A 63 27.22 -3.08 5.99
N GLY A 64 26.76 -4.29 5.67
CA GLY A 64 25.84 -4.50 4.56
C GLY A 64 24.62 -3.62 4.65
N LEU A 65 24.01 -3.58 5.83
CA LEU A 65 22.82 -2.75 6.07
C LEU A 65 23.07 -1.26 5.85
N ILE A 66 24.25 -0.79 6.25
CA ILE A 66 24.67 0.58 5.97
C ILE A 66 24.75 0.81 4.45
N ASP A 67 25.38 -0.14 3.73
CA ASP A 67 25.54 -0.04 2.28
C ASP A 67 24.20 -0.02 1.54
N LYS A 68 23.21 -0.72 2.10
CA LYS A 68 21.89 -0.80 1.50
C LYS A 68 21.04 0.42 1.82
N GLY A 69 21.40 1.16 2.87
CA GLY A 69 20.73 2.41 3.19
C GLY A 69 20.31 2.68 4.62
N MET A 70 20.75 1.86 5.57
CA MET A 70 20.37 2.05 6.98
C MET A 70 20.91 3.37 7.54
N SER A 71 20.01 4.20 8.06
CA SER A 71 20.36 5.46 8.71
C SER A 71 20.48 5.26 10.22
N VAL A 72 19.54 4.50 10.76
CA VAL A 72 19.42 4.28 12.20
C VAL A 72 19.25 2.78 12.49
N ALA A 73 19.99 2.29 13.48
CA ALA A 73 19.82 0.93 13.97
C ALA A 73 18.95 0.93 15.23
N ARG A 74 17.95 0.06 15.24
CA ARG A 74 16.99 -0.02 16.35
C ARG A 74 17.14 -1.31 17.14
N LEU A 75 17.16 -1.17 18.46
CA LEU A 75 17.24 -2.28 19.37
C LEU A 75 15.91 -2.40 20.07
N ASN A 76 15.17 -3.47 19.75
CA ASN A 76 13.90 -3.74 20.39
C ASN A 76 14.11 -4.39 21.75
N PHE A 77 13.92 -3.62 22.82
CA PHE A 77 14.14 -4.13 24.17
C PHE A 77 12.99 -4.98 24.71
N SER A 78 12.06 -5.34 23.83
CA SER A 78 11.10 -6.41 24.12
C SER A 78 11.78 -7.77 24.03
N HIS A 79 12.94 -7.81 23.38
CA HIS A 79 13.67 -9.06 23.14
C HIS A 79 15.10 -8.97 23.60
N GLY A 80 15.74 -10.11 23.74
CA GLY A 80 17.15 -10.20 24.13
C GLY A 80 17.41 -9.91 25.60
N ASP A 81 18.67 -10.00 26.00
CA ASP A 81 19.10 -9.67 27.36
C ASP A 81 20.20 -8.62 27.33
N HIS A 82 20.73 -8.28 28.50
CA HIS A 82 21.78 -7.25 28.62
C HIS A 82 22.98 -7.56 27.79
N GLU A 83 23.38 -8.83 27.76
CA GLU A 83 24.57 -9.25 27.04
C GLU A 83 24.37 -9.23 25.53
N SER A 84 23.17 -9.61 25.09
CA SER A 84 22.81 -9.58 23.68
C SER A 84 22.77 -8.15 23.15
N HIS A 85 22.19 -7.25 23.94
CA HIS A 85 22.05 -5.84 23.57
C HIS A 85 23.39 -5.14 23.48
N PHE A 86 24.24 -5.41 24.47
CA PHE A 86 25.58 -4.80 24.53
C PHE A 86 26.47 -5.22 23.36
N LYS A 87 26.47 -6.53 23.05
CA LYS A 87 27.23 -7.05 21.90
C LYS A 87 26.77 -6.40 20.60
N THR A 88 25.45 -6.35 20.41
CA THR A 88 24.83 -5.72 19.25
C THR A 88 25.32 -4.27 19.10
N LEU A 89 25.32 -3.55 20.21
CA LEU A 89 25.77 -2.17 20.23
C LEU A 89 27.22 -2.02 19.78
N GLN A 90 28.09 -2.90 20.28
CA GLN A 90 29.50 -2.91 19.91
C GLN A 90 29.67 -3.18 18.43
N ASN A 91 28.89 -4.13 17.93
CA ASN A 91 28.89 -4.49 16.52
C ASN A 91 28.42 -3.35 15.62
N ILE A 92 27.36 -2.64 16.03
CA ILE A 92 26.87 -1.47 15.29
C ILE A 92 27.98 -0.43 15.17
N ARG A 93 28.62 -0.11 16.29
CA ARG A 93 29.69 0.90 16.33
C ARG A 93 30.95 0.49 15.57
N GLU A 94 31.31 -0.79 15.64
CA GLU A 94 32.43 -1.32 14.86
C GLU A 94 32.11 -1.23 13.37
N ALA A 95 30.89 -1.62 13.00
CA ALA A 95 30.45 -1.54 11.61
C ALA A 95 30.43 -0.09 11.12
N ALA A 96 30.03 0.83 11.98
CA ALA A 96 30.03 2.25 11.65
C ALA A 96 31.43 2.78 11.43
N LYS A 97 32.39 2.29 12.21
CA LYS A 97 33.80 2.65 12.05
C LYS A 97 34.34 2.23 10.69
N ALA A 98 33.83 1.11 10.18
CA ALA A 98 34.23 0.60 8.88
C ALA A 98 33.61 1.41 7.73
N ARG A 99 32.78 2.38 8.06
CA ARG A 99 32.11 3.22 7.08
C ARG A 99 32.22 4.70 7.45
N PRO A 100 33.44 5.28 7.33
CA PRO A 100 33.72 6.66 7.78
C PRO A 100 32.91 7.75 7.08
N HIS A 101 32.40 7.46 5.89
CA HIS A 101 31.56 8.42 5.15
C HIS A 101 30.09 8.28 5.48
N SER A 102 29.78 7.47 6.49
CA SER A 102 28.40 7.30 6.93
C SER A 102 28.26 7.65 8.40
N THR A 103 27.07 8.09 8.77
CA THR A 103 26.72 8.33 10.16
C THR A 103 25.54 7.42 10.50
N VAL A 104 25.66 6.66 11.58
CA VAL A 104 24.60 5.76 12.02
C VAL A 104 24.09 6.17 13.39
N GLY A 105 22.78 6.42 13.49
CA GLY A 105 22.16 6.69 14.78
C GLY A 105 21.74 5.38 15.43
N ILE A 106 21.67 5.37 16.76
CA ILE A 106 21.24 4.18 17.49
C ILE A 106 20.02 4.48 18.36
N MET A 107 18.98 3.65 18.20
CA MET A 107 17.68 3.83 18.85
C MET A 107 17.37 2.67 19.80
N LEU A 108 17.01 3.03 21.03
CA LEU A 108 16.50 2.07 21.99
C LEU A 108 14.97 2.19 22.02
N ASP A 109 14.30 1.07 21.73
CA ASP A 109 12.85 0.99 21.71
C ASP A 109 12.43 0.25 22.98
N THR A 110 11.73 0.94 23.88
CA THR A 110 11.39 0.37 25.18
C THR A 110 10.40 -0.77 25.07
N LYS A 111 10.52 -1.72 25.98
CA LYS A 111 9.57 -2.82 26.12
C LYS A 111 8.16 -2.28 26.41
N GLY A 112 8.06 -1.34 27.35
CA GLY A 112 6.78 -0.72 27.68
C GLY A 112 5.79 -1.65 28.37
N PRO A 113 4.53 -1.21 28.50
CA PRO A 113 3.52 -1.96 29.24
C PRO A 113 2.92 -3.10 28.44
N GLU A 114 3.73 -4.11 28.11
CA GLU A 114 3.26 -5.27 27.35
C GLU A 114 3.03 -6.48 28.25
N ILE A 115 2.13 -7.36 27.80
CA ILE A 115 1.87 -8.62 28.47
C ILE A 115 2.36 -9.75 27.59
N ARG A 116 3.20 -10.62 28.14
CA ARG A 116 3.71 -11.77 27.39
C ARG A 116 3.44 -13.09 28.10
N THR A 117 3.41 -14.17 27.32
CA THR A 117 3.27 -15.52 27.87
C THR A 117 4.63 -16.05 28.33
N GLY A 118 4.62 -17.14 29.09
CA GLY A 118 5.85 -17.73 29.61
C GLY A 118 6.48 -18.76 28.69
N MET A 119 7.43 -19.52 29.23
CA MET A 119 8.11 -20.57 28.49
C MET A 119 7.25 -21.82 28.41
N LEU A 120 7.33 -22.54 27.29
CA LEU A 120 6.51 -23.72 27.06
C LEU A 120 7.18 -25.03 27.52
N GLU A 121 6.54 -26.15 27.19
CA GLU A 121 6.97 -27.48 27.61
C GLU A 121 8.43 -27.77 27.26
N GLY A 122 9.31 -27.59 28.25
CA GLY A 122 10.76 -27.76 28.05
C GLY A 122 11.35 -26.67 27.19
N GLY A 123 10.81 -26.53 25.98
CA GLY A 123 11.22 -25.49 25.04
C GLY A 123 10.54 -25.64 23.69
N LYS A 124 9.60 -26.57 23.60
CA LYS A 124 8.92 -26.89 22.34
C LYS A 124 7.52 -26.30 22.24
N PRO A 125 7.19 -25.68 21.08
CA PRO A 125 5.90 -25.00 20.84
C PRO A 125 4.68 -25.89 20.98
N ILE A 126 3.52 -25.27 21.26
CA ILE A 126 2.29 -26.01 21.57
C ILE A 126 1.05 -25.44 20.86
N GLU A 127 0.22 -26.34 20.33
CA GLU A 127 -1.04 -25.97 19.66
C GLU A 127 -2.25 -26.24 20.57
N LEU A 128 -3.35 -25.53 20.29
CA LEU A 128 -4.58 -25.71 21.07
C LEU A 128 -5.81 -25.92 20.19
N LYS A 129 -6.80 -26.60 20.75
CA LYS A 129 -8.06 -26.90 20.06
C LYS A 129 -9.25 -26.26 20.79
N ALA A 130 -10.18 -25.69 20.01
CA ALA A 130 -11.38 -25.06 20.56
C ALA A 130 -12.19 -26.02 21.43
N GLY A 131 -12.70 -25.51 22.54
CA GLY A 131 -13.51 -26.31 23.47
C GLY A 131 -12.80 -26.67 24.76
N GLN A 132 -11.48 -26.90 24.68
CA GLN A 132 -10.67 -27.21 25.86
C GLN A 132 -10.58 -26.00 26.80
N THR A 133 -10.42 -26.27 28.09
CA THR A 133 -10.28 -25.20 29.07
C THR A 133 -8.81 -24.97 29.40
N LEU A 134 -8.28 -23.83 28.94
CA LEU A 134 -6.89 -23.46 29.17
C LEU A 134 -6.74 -22.60 30.42
N LYS A 135 -5.82 -23.00 31.28
CA LYS A 135 -5.48 -22.25 32.49
C LYS A 135 -4.32 -21.31 32.21
N ILE A 136 -4.34 -20.14 32.85
CA ILE A 136 -3.26 -19.16 32.72
C ILE A 136 -2.85 -18.66 34.10
N THR A 137 -1.68 -19.10 34.57
CA THR A 137 -1.16 -18.70 35.88
C THR A 137 -0.34 -17.40 35.78
N THR A 138 -0.20 -16.70 36.90
CA THR A 138 0.62 -15.49 36.97
C THR A 138 2.02 -15.79 37.51
N ASP A 139 2.24 -17.05 37.87
CA ASP A 139 3.57 -17.54 38.25
C ASP A 139 4.41 -17.58 36.97
N TYR A 140 5.11 -16.48 36.69
CA TYR A 140 5.83 -16.32 35.43
C TYR A 140 6.96 -17.35 35.23
N SER A 141 7.74 -17.59 36.27
CA SER A 141 8.83 -18.56 36.21
C SER A 141 8.32 -20.00 36.34
N MET A 142 7.53 -20.41 35.35
CA MET A 142 6.96 -21.76 35.30
C MET A 142 6.82 -22.20 33.85
N LEU A 143 7.26 -23.43 33.57
CA LEU A 143 7.13 -24.02 32.24
C LEU A 143 5.67 -24.43 32.00
N GLY A 144 5.10 -23.91 30.93
CA GLY A 144 3.69 -24.12 30.63
C GLY A 144 3.42 -25.15 29.55
N ASN A 145 2.46 -26.04 29.81
CA ASN A 145 2.08 -27.06 28.84
C ASN A 145 0.88 -26.64 27.98
N SER A 146 0.16 -27.63 27.47
CA SER A 146 -1.02 -27.43 26.63
C SER A 146 -2.28 -27.14 27.45
N GLU A 147 -2.13 -27.14 28.77
CA GLU A 147 -3.26 -27.00 29.68
C GLU A 147 -3.13 -25.79 30.60
N CYS A 148 -1.89 -25.48 31.00
CA CYS A 148 -1.62 -24.35 31.89
C CYS A 148 -0.39 -23.57 31.47
N ILE A 149 -0.62 -22.45 30.78
CA ILE A 149 0.47 -21.54 30.37
C ILE A 149 0.71 -20.45 31.41
N SER A 150 1.79 -19.69 31.21
CA SER A 150 2.18 -18.65 32.15
C SER A 150 1.89 -17.25 31.60
N CYS A 151 1.96 -16.25 32.49
CA CYS A 151 1.66 -14.87 32.16
C CYS A 151 2.53 -13.92 32.97
N SER A 152 3.02 -12.86 32.31
CA SER A 152 3.90 -11.88 32.95
C SER A 152 3.14 -10.86 33.80
N TYR A 153 1.85 -10.72 33.55
CA TYR A 153 1.01 -9.72 34.19
C TYR A 153 0.37 -10.28 35.46
N SER A 154 0.94 -9.95 36.62
CA SER A 154 0.49 -10.51 37.91
C SER A 154 -0.87 -9.98 38.36
N LEU A 155 -1.29 -8.85 37.80
CA LEU A 155 -2.59 -8.26 38.09
C LEU A 155 -3.68 -8.73 37.11
N LEU A 156 -3.40 -9.81 36.38
CA LEU A 156 -4.36 -10.39 35.43
C LEU A 156 -5.71 -10.77 36.06
N PRO A 157 -5.70 -11.49 37.21
CA PRO A 157 -6.98 -11.89 37.82
C PRO A 157 -7.89 -10.71 38.18
N LYS A 158 -7.28 -9.59 38.58
CA LYS A 158 -8.01 -8.40 39.00
C LYS A 158 -8.30 -7.44 37.84
N SER A 159 -8.10 -7.90 36.61
CA SER A 159 -8.26 -7.05 35.43
C SER A 159 -9.32 -7.58 34.45
N VAL A 160 -9.72 -8.84 34.63
CA VAL A 160 -10.78 -9.44 33.82
C VAL A 160 -12.00 -9.76 34.68
N GLN A 161 -13.09 -10.15 34.02
CA GLN A 161 -14.27 -10.68 34.70
C GLN A 161 -14.79 -11.91 33.95
N ILE A 162 -15.65 -12.69 34.59
CA ILE A 162 -16.26 -13.86 33.94
C ILE A 162 -16.89 -13.40 32.63
N GLY A 163 -16.42 -13.93 31.51
CA GLY A 163 -16.94 -13.57 30.20
C GLY A 163 -16.03 -12.71 29.35
N SER A 164 -15.03 -12.10 29.97
CA SER A 164 -14.03 -11.29 29.24
C SER A 164 -13.24 -12.13 28.24
N THR A 165 -12.81 -11.50 27.16
CA THR A 165 -12.01 -12.17 26.14
C THR A 165 -10.52 -11.87 26.28
N VAL A 166 -9.70 -12.90 26.22
CA VAL A 166 -8.25 -12.76 26.31
C VAL A 166 -7.64 -13.20 24.99
N LEU A 167 -6.87 -12.30 24.36
CA LEU A 167 -6.24 -12.58 23.06
C LEU A 167 -4.74 -12.82 23.20
N ILE A 168 -4.26 -13.86 22.54
CA ILE A 168 -2.84 -14.20 22.58
C ILE A 168 -2.25 -14.21 21.17
N ALA A 169 -1.02 -13.70 21.05
CA ALA A 169 -0.28 -13.59 19.78
C ALA A 169 -0.99 -12.71 18.74
N ASP A 170 -1.56 -11.59 19.22
CA ASP A 170 -2.29 -10.63 18.39
C ASP A 170 -3.42 -11.26 17.56
N GLY A 171 -4.38 -11.86 18.25
CA GLY A 171 -5.54 -12.48 17.62
C GLY A 171 -5.23 -13.82 16.99
N SER A 172 -4.59 -14.70 17.77
CA SER A 172 -4.34 -16.07 17.34
C SER A 172 -5.10 -17.02 18.25
N LEU A 173 -4.83 -16.94 19.55
CA LEU A 173 -5.56 -17.72 20.54
C LEU A 173 -6.59 -16.84 21.23
N SER A 174 -7.85 -17.00 20.79
CA SER A 174 -8.97 -16.27 21.37
C SER A 174 -9.64 -17.14 22.43
N THR A 175 -9.76 -16.59 23.64
CA THR A 175 -10.32 -17.32 24.78
C THR A 175 -11.40 -16.51 25.49
N GLN A 176 -12.03 -17.12 26.49
CA GLN A 176 -13.05 -16.45 27.29
C GLN A 176 -13.00 -16.97 28.72
N VAL A 177 -12.94 -16.03 29.67
CA VAL A 177 -12.76 -16.37 31.09
C VAL A 177 -13.92 -17.20 31.62
N LEU A 178 -13.58 -18.28 32.31
CA LEU A 178 -14.56 -19.15 32.97
C LEU A 178 -14.46 -19.05 34.49
N GLU A 179 -13.24 -18.81 34.97
CA GLU A 179 -12.97 -18.73 36.40
C GLU A 179 -11.83 -17.76 36.68
N ILE A 180 -11.85 -17.14 37.85
CA ILE A 180 -10.77 -16.26 38.30
C ILE A 180 -10.34 -16.66 39.70
N GLY A 181 -9.05 -16.96 39.85
CA GLY A 181 -8.49 -17.30 41.16
C GLY A 181 -7.60 -16.21 41.73
N ASP A 182 -6.85 -16.55 42.76
CA ASP A 182 -5.92 -15.61 43.39
C ASP A 182 -4.79 -15.20 42.46
N ASP A 183 -4.19 -16.20 41.80
CA ASP A 183 -3.04 -15.98 40.91
C ASP A 183 -3.16 -16.67 39.55
N PHE A 184 -4.39 -16.78 39.05
CA PHE A 184 -4.66 -17.46 37.79
C PHE A 184 -6.05 -17.17 37.24
N ILE A 185 -6.24 -17.50 35.96
CA ILE A 185 -7.57 -17.53 35.33
C ILE A 185 -7.73 -18.80 34.50
N VAL A 186 -8.96 -19.26 34.37
CA VAL A 186 -9.27 -20.40 33.50
C VAL A 186 -10.13 -19.89 32.34
N CYS A 187 -9.67 -20.15 31.12
CA CYS A 187 -10.35 -19.69 29.92
C CYS A 187 -10.86 -20.86 29.08
N LYS A 188 -11.74 -20.55 28.13
CA LYS A 188 -12.25 -21.53 27.19
C LYS A 188 -11.77 -21.17 25.79
N VAL A 189 -10.92 -22.03 25.23
CA VAL A 189 -10.38 -21.85 23.88
C VAL A 189 -11.51 -21.79 22.86
N LEU A 190 -11.61 -20.65 22.17
CA LEU A 190 -12.71 -20.41 21.23
C LEU A 190 -12.40 -20.87 19.81
N ASN A 191 -11.15 -20.67 19.38
CA ASN A 191 -10.72 -21.05 18.03
C ASN A 191 -9.37 -21.75 18.02
N SER A 192 -9.31 -22.88 17.31
CA SER A 192 -8.13 -23.75 17.28
C SER A 192 -7.00 -23.18 16.43
N VAL A 193 -5.92 -22.77 17.07
CA VAL A 193 -4.74 -22.17 16.40
C VAL A 193 -3.44 -22.63 17.07
N THR A 194 -2.31 -22.33 16.42
CA THR A 194 -0.97 -22.67 16.93
C THR A 194 -0.16 -21.43 17.36
N ILE A 195 0.47 -21.52 18.53
CA ILE A 195 1.28 -20.41 19.09
C ILE A 195 2.58 -20.90 19.75
N GLY A 196 3.54 -19.99 19.88
CA GLY A 196 4.82 -20.29 20.53
C GLY A 196 4.99 -19.67 21.90
N GLU A 197 6.24 -19.42 22.28
CA GLU A 197 6.59 -18.83 23.57
C GLU A 197 6.64 -17.31 23.47
N ARG A 198 6.70 -16.64 24.62
CA ARG A 198 6.85 -15.18 24.71
C ARG A 198 5.88 -14.42 23.81
N LYS A 199 4.70 -14.99 23.58
CA LYS A 199 3.73 -14.39 22.68
C LYS A 199 2.99 -13.22 23.32
N ASN A 200 2.54 -12.30 22.47
CA ASN A 200 1.75 -11.13 22.89
C ASN A 200 0.44 -11.55 23.55
N MET A 201 -0.08 -10.70 24.43
CA MET A 201 -1.38 -10.93 25.06
C MET A 201 -2.17 -9.65 25.11
N ASN A 202 -3.48 -9.74 24.88
CA ASN A 202 -4.36 -8.58 24.83
C ASN A 202 -5.63 -8.78 25.65
N LEU A 203 -6.08 -7.70 26.29
CA LEU A 203 -7.32 -7.72 27.06
C LEU A 203 -8.29 -6.63 26.57
N PRO A 204 -9.07 -6.95 25.51
CA PRO A 204 -10.02 -6.00 24.92
C PRO A 204 -11.06 -5.51 25.93
N GLY A 205 -11.28 -4.19 25.95
CA GLY A 205 -12.23 -3.57 26.87
C GLY A 205 -11.82 -3.58 28.33
N CYS A 206 -10.58 -4.00 28.61
CA CYS A 206 -10.07 -4.06 29.97
C CYS A 206 -8.91 -3.09 30.17
N LYS A 207 -8.88 -2.43 31.32
CA LYS A 207 -7.79 -1.54 31.69
C LYS A 207 -6.60 -2.37 32.17
N VAL A 208 -5.46 -2.18 31.52
CA VAL A 208 -4.22 -2.83 31.90
C VAL A 208 -3.48 -1.95 32.91
N HIS A 209 -3.28 -2.48 34.12
CA HIS A 209 -2.66 -1.70 35.19
C HIS A 209 -1.15 -1.80 35.19
N LEU A 210 -0.55 -1.32 34.09
CA LEU A 210 0.90 -1.24 33.97
C LEU A 210 1.33 0.20 33.67
N PRO A 211 2.50 0.61 34.19
CA PRO A 211 2.99 1.95 33.84
C PRO A 211 3.51 2.01 32.41
N ILE A 212 3.48 3.20 31.81
CA ILE A 212 4.05 3.41 30.48
C ILE A 212 5.57 3.25 30.56
N ILE A 213 6.17 3.82 31.60
CA ILE A 213 7.58 3.61 31.88
C ILE A 213 7.68 2.88 33.23
N GLY A 214 7.83 1.56 33.17
CA GLY A 214 7.94 0.74 34.37
C GLY A 214 9.36 0.73 34.93
N ASP A 215 9.62 -0.20 35.83
CA ASP A 215 10.94 -0.32 36.45
C ASP A 215 12.01 -0.77 35.45
N LYS A 216 11.68 -1.76 34.62
CA LYS A 216 12.60 -2.23 33.58
C LYS A 216 12.89 -1.15 32.52
N ASP A 217 11.87 -0.39 32.14
CA ASP A 217 12.03 0.67 31.14
C ASP A 217 12.98 1.74 31.65
N ARG A 218 12.81 2.15 32.91
CA ARG A 218 13.68 3.10 33.58
C ARG A 218 15.12 2.61 33.59
N HIS A 219 15.29 1.34 33.92
CA HIS A 219 16.59 0.70 33.96
C HIS A 219 17.25 0.74 32.61
N ASP A 220 16.50 0.40 31.56
CA ASP A 220 17.03 0.43 30.20
C ASP A 220 17.38 1.84 29.74
N ILE A 221 16.55 2.81 30.12
CA ILE A 221 16.77 4.21 29.73
C ILE A 221 18.04 4.75 30.37
N VAL A 222 18.16 4.60 31.69
CA VAL A 222 19.28 5.11 32.45
C VAL A 222 20.54 4.30 32.20
N ASP A 223 20.44 2.98 32.36
CA ASP A 223 21.62 2.10 32.37
C ASP A 223 22.02 1.54 31.01
N PHE A 224 21.31 1.93 29.96
CA PHE A 224 21.73 1.57 28.62
C PHE A 224 21.78 2.77 27.67
N ALA A 225 20.63 3.39 27.43
CA ALA A 225 20.54 4.56 26.54
C ALA A 225 21.41 5.73 26.98
N LEU A 226 21.29 6.12 28.24
CA LEU A 226 22.09 7.23 28.74
C LEU A 226 23.53 6.78 28.99
N LYS A 227 23.67 5.62 29.62
CA LYS A 227 24.98 5.07 29.97
C LYS A 227 25.89 4.93 28.74
N TYR A 228 25.36 4.34 27.68
CA TYR A 228 26.15 4.11 26.46
C TYR A 228 25.96 5.19 25.39
N ASN A 229 25.34 6.30 25.77
CA ASN A 229 25.25 7.48 24.89
C ASN A 229 24.49 7.21 23.57
N LEU A 230 23.32 6.59 23.67
CA LEU A 230 22.48 6.34 22.50
C LEU A 230 21.82 7.64 22.01
N ASP A 231 21.21 7.59 20.83
CA ASP A 231 20.69 8.79 20.18
C ASP A 231 19.18 8.99 20.26
N PHE A 232 18.45 7.89 20.34
CA PHE A 232 16.99 7.95 20.37
C PHE A 232 16.41 6.97 21.40
N ILE A 233 15.33 7.39 22.04
CA ILE A 233 14.51 6.52 22.85
C ILE A 233 13.13 6.47 22.20
N ALA A 234 12.79 5.32 21.63
CA ALA A 234 11.45 5.10 21.10
C ALA A 234 10.58 4.61 22.26
N LEU A 235 9.73 5.50 22.74
CA LEU A 235 8.93 5.23 23.92
C LEU A 235 7.63 4.52 23.53
N SER A 236 7.51 3.25 23.90
CA SER A 236 6.35 2.44 23.52
C SER A 236 5.07 2.82 24.26
N PHE A 237 3.95 2.79 23.53
CA PHE A 237 2.60 3.02 24.09
C PHE A 237 2.42 4.32 24.88
N VAL A 238 2.97 5.42 24.37
CA VAL A 238 2.73 6.74 24.97
C VAL A 238 1.26 7.09 24.82
N GLN A 239 0.66 7.65 25.87
CA GLN A 239 -0.78 7.91 25.90
C GLN A 239 -1.15 9.36 26.21
N ASN A 240 -0.20 10.11 26.76
CA ASN A 240 -0.38 11.54 27.04
C ASN A 240 0.96 12.22 27.26
N GLY A 241 0.95 13.56 27.26
CA GLY A 241 2.15 14.37 27.47
C GLY A 241 2.88 14.08 28.77
N ALA A 242 2.15 13.61 29.77
CA ALA A 242 2.73 13.27 31.07
C ALA A 242 3.71 12.10 30.97
N ASP A 243 3.44 11.18 30.04
CA ASP A 243 4.36 10.06 29.76
C ASP A 243 5.69 10.58 29.24
N VAL A 244 5.62 11.54 28.32
CA VAL A 244 6.81 12.18 27.75
C VAL A 244 7.58 12.93 28.83
N GLN A 245 6.85 13.68 29.66
CA GLN A 245 7.45 14.48 30.73
C GLN A 245 8.13 13.65 31.82
N LEU A 246 7.61 12.46 32.09
CA LEU A 246 8.28 11.53 32.99
C LEU A 246 9.65 11.14 32.42
N CYS A 247 9.71 10.86 31.13
CA CYS A 247 10.96 10.53 30.46
C CYS A 247 11.96 11.69 30.46
N ARG A 248 11.44 12.91 30.25
CA ARG A 248 12.26 14.13 30.35
C ARG A 248 12.89 14.24 31.73
N GLN A 249 12.08 14.01 32.76
CA GLN A 249 12.50 14.11 34.15
C GLN A 249 13.59 13.08 34.45
N ILE A 250 13.37 11.84 34.02
CA ILE A 250 14.37 10.78 34.17
C ILE A 250 15.71 11.20 33.56
N ILE A 251 15.67 11.74 32.34
CA ILE A 251 16.88 12.19 31.66
C ILE A 251 17.57 13.29 32.45
N SER A 252 16.81 14.27 32.93
CA SER A 252 17.37 15.39 33.69
C SER A 252 17.93 15.01 35.07
N GLU A 253 17.39 13.95 35.68
CA GLU A 253 17.84 13.48 37.01
C GLU A 253 18.93 12.40 36.94
N ASN A 254 19.36 12.06 35.74
CA ASN A 254 20.36 11.02 35.54
C ASN A 254 21.44 11.49 34.60
N THR A 255 22.41 12.20 35.16
CA THR A 255 23.52 12.77 34.40
C THR A 255 24.85 12.20 34.91
N GLN A 256 24.76 11.13 35.69
CA GLN A 256 25.95 10.48 36.27
C GLN A 256 26.90 9.91 35.21
N TYR A 257 26.38 9.64 34.01
CA TYR A 257 27.19 9.07 32.94
C TYR A 257 27.70 10.10 31.95
N SER A 258 27.41 11.37 32.21
CA SER A 258 27.82 12.45 31.31
C SER A 258 28.28 13.73 32.02
N ASN A 259 29.02 13.54 33.12
CA ASN A 259 29.61 14.65 33.89
C ASN A 259 28.64 15.76 34.29
N GLY A 260 27.42 15.38 34.67
CA GLY A 260 26.42 16.34 35.09
C GLY A 260 25.75 17.12 33.96
N ILE A 261 26.08 16.77 32.71
CA ILE A 261 25.50 17.43 31.54
C ILE A 261 24.35 16.60 30.98
N PRO A 262 23.12 17.16 31.01
CA PRO A 262 21.92 16.45 30.53
C PRO A 262 22.07 16.00 29.08
N SER A 263 21.78 14.73 28.83
CA SER A 263 21.88 14.17 27.49
C SER A 263 20.94 14.90 26.53
N SER A 264 21.38 15.04 25.28
CA SER A 264 20.51 15.59 24.25
C SER A 264 19.82 14.47 23.46
N ILE A 265 19.76 13.27 24.06
CA ILE A 265 19.06 12.13 23.49
C ILE A 265 17.60 12.47 23.18
N LYS A 266 17.12 12.02 22.03
CA LYS A 266 15.80 12.42 21.54
C LYS A 266 14.70 11.43 21.85
N ILE A 267 13.57 11.97 22.33
CA ILE A 267 12.41 11.17 22.69
C ILE A 267 11.47 11.07 21.51
N ILE A 268 11.25 9.85 21.06
CA ILE A 268 10.33 9.57 19.96
C ILE A 268 9.17 8.78 20.52
N SER A 269 7.99 9.41 20.56
CA SER A 269 6.83 8.76 21.14
C SER A 269 6.10 7.92 20.12
N LYS A 270 5.80 6.69 20.51
CA LYS A 270 5.10 5.74 19.65
C LYS A 270 3.61 5.77 19.94
N ILE A 271 2.84 6.16 18.93
CA ILE A 271 1.39 6.13 19.00
C ILE A 271 0.96 4.73 18.57
N GLU A 272 0.48 3.96 19.54
CA GLU A 272 0.20 2.53 19.34
C GLU A 272 -1.20 2.14 19.80
N ASN A 273 -1.99 3.12 20.24
CA ASN A 273 -3.35 2.85 20.68
C ASN A 273 -4.26 4.08 20.62
N LEU A 274 -5.54 3.88 20.92
CA LEU A 274 -6.57 4.92 20.80
C LEU A 274 -6.27 6.13 21.68
N GLU A 275 -5.85 5.89 22.93
CA GLU A 275 -5.50 6.97 23.85
C GLU A 275 -4.45 7.90 23.25
N GLY A 276 -3.38 7.32 22.74
CA GLY A 276 -2.33 8.08 22.06
C GLY A 276 -2.85 8.90 20.89
N VAL A 277 -3.77 8.34 20.11
CA VAL A 277 -4.39 9.06 19.00
C VAL A 277 -5.24 10.25 19.51
N ILE A 278 -6.06 10.01 20.53
CA ILE A 278 -6.88 11.05 21.16
C ILE A 278 -6.00 12.18 21.69
N ASN A 279 -4.89 11.83 22.35
CA ASN A 279 -4.00 12.83 22.94
C ASN A 279 -2.81 13.21 22.06
N PHE A 280 -2.91 12.91 20.77
CA PHE A 280 -1.80 13.10 19.84
C PHE A 280 -1.15 14.47 19.94
N ASP A 281 -1.95 15.53 19.85
CA ASP A 281 -1.44 16.90 19.82
C ASP A 281 -0.51 17.20 21.00
N SER A 282 -0.95 16.82 22.19
CA SER A 282 -0.18 16.97 23.41
C SER A 282 1.13 16.19 23.33
N ILE A 283 1.04 14.92 22.91
CA ILE A 283 2.20 14.05 22.80
C ILE A 283 3.20 14.58 21.78
N CYS A 284 2.71 14.92 20.59
CA CYS A 284 3.52 15.48 19.51
C CYS A 284 4.22 16.77 19.94
N SER A 285 3.48 17.64 20.62
CA SER A 285 4.00 18.90 21.13
C SER A 285 5.11 18.71 22.18
N GLU A 286 5.00 17.67 22.99
CA GLU A 286 5.99 17.39 24.03
C GLU A 286 7.24 16.66 23.50
N SER A 287 7.07 15.86 22.45
CA SER A 287 8.12 14.94 22.01
C SER A 287 9.10 15.58 21.01
N ASP A 288 10.21 14.90 20.76
CA ASP A 288 11.16 15.32 19.72
C ASP A 288 10.78 14.71 18.38
N GLY A 289 9.91 13.71 18.42
CA GLY A 289 9.46 13.03 17.21
C GLY A 289 8.33 12.06 17.51
N ILE A 290 7.68 11.58 16.44
CA ILE A 290 6.59 10.62 16.54
C ILE A 290 6.88 9.36 15.72
N MET A 291 6.53 8.20 16.27
CA MET A 291 6.49 6.96 15.51
C MET A 291 5.05 6.44 15.46
N VAL A 292 4.59 6.14 14.25
CA VAL A 292 3.30 5.49 14.06
C VAL A 292 3.55 4.00 13.87
N ALA A 293 3.07 3.20 14.82
CA ALA A 293 3.33 1.76 14.84
C ALA A 293 2.07 0.93 15.07
N ARG A 294 2.17 -0.36 14.78
CA ARG A 294 1.04 -1.30 14.81
C ARG A 294 0.32 -1.33 16.16
N GLY A 295 1.05 -1.68 17.22
CA GLY A 295 0.51 -1.72 18.58
C GLY A 295 -0.86 -2.39 18.71
N ASP A 296 -1.75 -1.74 19.47
CA ASP A 296 -3.09 -2.25 19.71
C ASP A 296 -4.15 -1.58 18.85
N LEU A 297 -3.78 -0.49 18.18
CA LEU A 297 -4.72 0.35 17.42
C LEU A 297 -5.70 -0.46 16.56
N GLY A 298 -5.19 -1.47 15.86
CA GLY A 298 -6.00 -2.32 14.99
C GLY A 298 -7.07 -3.16 15.69
N MET A 299 -7.17 -3.01 17.01
CA MET A 299 -8.13 -3.75 17.81
C MET A 299 -9.10 -2.84 18.55
N GLU A 300 -8.83 -1.54 18.52
CA GLU A 300 -9.63 -0.57 19.27
C GLU A 300 -10.50 0.29 18.35
N ILE A 301 -10.11 0.35 17.09
CA ILE A 301 -10.85 1.09 16.07
C ILE A 301 -11.09 0.17 14.87
N PRO A 302 -12.05 0.51 13.99
CA PRO A 302 -12.19 -0.25 12.74
C PRO A 302 -10.92 -0.16 11.90
N PRO A 303 -10.48 -1.31 11.34
CA PRO A 303 -9.23 -1.42 10.55
C PRO A 303 -9.20 -0.53 9.31
N GLU A 304 -10.36 -0.25 8.74
CA GLU A 304 -10.45 0.65 7.59
C GLU A 304 -10.10 2.09 7.97
N LYS A 305 -10.04 2.39 9.26
CA LYS A 305 -9.77 3.74 9.73
C LYS A 305 -8.29 3.99 10.06
N ILE A 306 -7.52 2.92 10.18
CA ILE A 306 -6.10 3.03 10.54
C ILE A 306 -5.29 3.94 9.60
N PHE A 307 -5.49 3.77 8.28
CA PHE A 307 -4.76 4.58 7.31
C PHE A 307 -5.10 6.08 7.41
N VAL A 308 -6.33 6.38 7.81
CA VAL A 308 -6.78 7.76 8.01
C VAL A 308 -6.02 8.42 9.16
N ALA A 309 -5.92 7.70 10.27
CA ALA A 309 -5.21 8.17 11.45
C ALA A 309 -3.72 8.38 11.16
N GLN A 310 -3.12 7.47 10.40
CA GLN A 310 -1.72 7.58 10.01
C GLN A 310 -1.48 8.82 9.15
N LYS A 311 -2.27 8.99 8.10
CA LYS A 311 -2.16 10.15 7.21
C LYS A 311 -2.27 11.44 8.00
N CYS A 312 -3.24 11.50 8.91
CA CYS A 312 -3.48 12.69 9.72
C CYS A 312 -2.31 13.00 10.67
N MET A 313 -1.78 11.98 11.34
CA MET A 313 -0.66 12.16 12.25
C MET A 313 0.62 12.61 11.52
N ILE A 314 0.82 12.07 10.31
CA ILE A 314 1.97 12.48 9.49
C ILE A 314 1.88 13.96 9.10
N SER A 315 0.72 14.40 8.60
CA SER A 315 0.51 15.79 8.23
C SER A 315 0.75 16.75 9.39
N LYS A 316 0.21 16.40 10.56
CA LYS A 316 0.39 17.21 11.76
C LYS A 316 1.85 17.32 12.18
N CYS A 317 2.61 16.23 12.04
CA CYS A 317 4.06 16.25 12.31
C CYS A 317 4.80 17.12 11.32
N ASN A 318 4.38 17.08 10.05
CA ASN A 318 4.96 17.93 9.01
C ASN A 318 4.78 19.42 9.33
N VAL A 319 3.56 19.79 9.72
CA VAL A 319 3.22 21.18 10.08
C VAL A 319 3.98 21.64 11.32
N ALA A 320 4.12 20.74 12.30
CA ALA A 320 4.86 21.06 13.53
C ALA A 320 6.37 21.01 13.33
N GLY A 321 6.82 20.48 12.21
CA GLY A 321 8.25 20.30 11.97
C GLY A 321 8.89 19.29 12.90
N LYS A 322 8.10 18.30 13.33
CA LYS A 322 8.63 17.19 14.13
C LYS A 322 8.80 15.97 13.24
N PRO A 323 9.97 15.31 13.30
CA PRO A 323 10.20 14.12 12.47
C PRO A 323 9.18 13.03 12.79
N VAL A 324 8.67 12.36 11.75
CA VAL A 324 7.71 11.27 11.93
C VAL A 324 8.19 9.99 11.26
N VAL A 325 8.07 8.89 11.99
CA VAL A 325 8.52 7.58 11.55
C VAL A 325 7.31 6.69 11.27
N THR A 326 7.22 6.19 10.03
CA THR A 326 6.23 5.18 9.66
C THR A 326 6.82 3.78 9.80
N ALA A 327 6.14 2.93 10.55
CA ALA A 327 6.69 1.63 10.94
C ALA A 327 5.58 0.64 11.26
N THR A 328 4.96 0.07 10.23
CA THR A 328 3.88 -0.90 10.44
C THR A 328 4.29 -2.30 9.97
N GLN A 329 5.60 -2.54 9.95
CA GLN A 329 6.20 -3.74 9.35
C GLN A 329 5.75 -3.86 7.89
N MET A 330 6.23 -2.92 7.07
CA MET A 330 5.73 -2.76 5.71
C MET A 330 6.06 -3.92 4.75
N LEU A 331 7.16 -4.62 5.01
CA LEU A 331 7.60 -5.69 4.11
C LEU A 331 7.54 -7.10 4.74
N GLU A 332 6.35 -7.46 5.24
CA GLU A 332 6.11 -8.77 5.87
C GLU A 332 6.59 -9.95 5.01
N SER A 333 6.20 -9.94 3.74
CA SER A 333 6.52 -11.02 2.80
C SER A 333 8.03 -11.25 2.61
N MET A 334 8.84 -10.34 3.12
CA MET A 334 10.30 -10.42 2.93
C MET A 334 11.04 -11.07 4.11
N ILE A 335 10.29 -11.82 4.93
CA ILE A 335 10.86 -12.65 5.98
C ILE A 335 11.05 -14.07 5.41
N LYS A 336 10.28 -14.39 4.37
CA LYS A 336 10.30 -15.71 3.74
C LYS A 336 10.34 -15.65 2.21
N SER A 337 10.67 -14.48 1.66
CA SER A 337 10.71 -14.30 0.20
C SER A 337 11.80 -13.30 -0.24
N ASN A 338 12.38 -13.56 -1.41
CA ASN A 338 13.44 -12.75 -1.99
C ASN A 338 13.04 -11.29 -2.24
N ARG A 339 11.78 -11.09 -2.61
CA ARG A 339 11.27 -9.77 -2.93
C ARG A 339 9.81 -9.62 -2.47
N PRO A 340 9.34 -8.37 -2.26
CA PRO A 340 8.00 -8.21 -1.71
C PRO A 340 6.92 -8.21 -2.79
N THR A 341 5.68 -7.99 -2.37
CA THR A 341 4.59 -7.83 -3.31
C THR A 341 4.26 -6.35 -3.46
N ARG A 342 3.48 -6.03 -4.49
CA ARG A 342 3.10 -4.65 -4.80
C ARG A 342 2.57 -3.86 -3.61
N ALA A 343 1.63 -4.46 -2.87
CA ALA A 343 0.96 -3.80 -1.74
C ALA A 343 1.94 -3.24 -0.70
N GLU A 344 3.04 -3.96 -0.49
CA GLU A 344 4.06 -3.58 0.48
C GLU A 344 4.93 -2.43 -0.02
N MET A 345 5.26 -2.45 -1.31
CA MET A 345 6.04 -1.39 -1.92
C MET A 345 5.24 -0.09 -2.01
N THR A 346 3.97 -0.19 -2.41
CA THR A 346 3.10 0.98 -2.50
C THR A 346 2.85 1.62 -1.13
N ASP A 347 2.87 0.79 -0.08
CA ASP A 347 2.72 1.27 1.29
C ASP A 347 3.85 2.21 1.71
N VAL A 348 5.08 1.82 1.37
CA VAL A 348 6.26 2.65 1.66
C VAL A 348 6.28 3.89 0.76
N ALA A 349 5.96 3.70 -0.52
CA ALA A 349 5.86 4.80 -1.47
C ALA A 349 4.86 5.86 -0.99
N ASN A 350 3.69 5.40 -0.57
CA ASN A 350 2.64 6.31 -0.11
C ASN A 350 2.92 6.90 1.27
N ALA A 351 3.68 6.19 2.11
CA ALA A 351 4.15 6.76 3.37
C ALA A 351 5.08 7.93 3.11
N VAL A 352 6.02 7.76 2.16
CA VAL A 352 6.90 8.86 1.75
C VAL A 352 6.10 10.04 1.20
N LEU A 353 5.10 9.74 0.37
CA LEU A 353 4.28 10.78 -0.25
C LEU A 353 3.36 11.47 0.77
N ASP A 354 2.99 10.76 1.84
CA ASP A 354 2.21 11.35 2.91
C ASP A 354 3.02 12.37 3.70
N GLY A 355 4.35 12.27 3.64
CA GLY A 355 5.25 13.23 4.26
C GLY A 355 6.13 12.65 5.36
N SER A 356 6.22 11.33 5.40
CA SER A 356 7.03 10.62 6.40
C SER A 356 8.53 10.93 6.29
N ASP A 357 9.16 11.18 7.44
CA ASP A 357 10.61 11.45 7.50
C ASP A 357 11.44 10.17 7.41
N CYS A 358 11.01 9.12 8.11
CA CYS A 358 11.70 7.83 8.09
C CYS A 358 10.71 6.71 7.89
N VAL A 359 11.23 5.61 7.33
CA VAL A 359 10.50 4.35 7.29
C VAL A 359 11.30 3.34 8.09
N MET A 360 10.60 2.41 8.73
CA MET A 360 11.24 1.44 9.60
C MET A 360 10.92 0.00 9.19
N LEU A 361 11.96 -0.82 9.13
CA LEU A 361 11.83 -2.27 8.94
C LEU A 361 11.87 -2.98 10.28
N SER A 362 10.94 -3.92 10.49
CA SER A 362 10.88 -4.66 11.74
C SER A 362 11.51 -6.05 11.62
N GLY A 363 10.69 -7.08 11.41
CA GLY A 363 11.14 -8.46 11.33
C GLY A 363 11.75 -8.85 9.99
N GLU A 364 11.82 -7.90 9.06
CA GLU A 364 12.42 -8.11 7.75
C GLU A 364 13.94 -8.22 7.88
N THR A 365 14.49 -7.43 8.79
CA THR A 365 15.93 -7.43 9.07
C THR A 365 16.27 -8.19 10.37
N ALA A 366 15.46 -7.97 11.40
CA ALA A 366 15.67 -8.56 12.74
C ALA A 366 15.79 -10.09 12.71
N ASN A 367 14.77 -10.76 12.16
CA ASN A 367 14.78 -12.22 12.08
C ASN A 367 14.24 -12.76 10.75
N GLY A 368 14.42 -11.98 9.68
CA GLY A 368 14.01 -12.38 8.34
C GLY A 368 15.06 -13.20 7.62
N ALA A 369 14.64 -13.93 6.58
CA ALA A 369 15.55 -14.74 5.78
C ALA A 369 16.33 -13.88 4.78
N PHE A 370 15.76 -12.73 4.42
CA PHE A 370 16.38 -11.83 3.44
C PHE A 370 16.44 -10.38 3.93
N PRO A 371 17.34 -10.10 4.89
CA PRO A 371 17.44 -8.76 5.48
C PRO A 371 18.00 -7.70 4.53
N PHE A 372 19.01 -8.08 3.75
CA PHE A 372 19.69 -7.14 2.83
C PHE A 372 18.82 -6.75 1.64
N ASP A 373 18.11 -7.73 1.09
CA ASP A 373 17.20 -7.50 -0.04
C ASP A 373 16.12 -6.47 0.29
N ALA A 374 15.52 -6.60 1.47
CA ALA A 374 14.43 -5.71 1.92
C ALA A 374 14.83 -4.24 1.98
N VAL A 375 15.93 -3.95 2.69
CA VAL A 375 16.43 -2.59 2.83
C VAL A 375 16.66 -1.96 1.46
N ASN A 376 17.32 -2.72 0.57
CA ASN A 376 17.66 -2.25 -0.75
C ASN A 376 16.42 -1.91 -1.57
N VAL A 377 15.44 -2.81 -1.54
CA VAL A 377 14.13 -2.57 -2.15
C VAL A 377 13.46 -1.31 -1.56
N MET A 378 13.38 -1.24 -0.23
CA MET A 378 12.75 -0.11 0.46
C MET A 378 13.40 1.21 0.07
N SER A 379 14.73 1.20 0.00
CA SER A 379 15.51 2.38 -0.38
C SER A 379 15.18 2.89 -1.77
N ARG A 380 15.11 1.97 -2.74
CA ARG A 380 14.80 2.31 -4.13
C ARG A 380 13.38 2.84 -4.26
N VAL A 381 12.44 2.20 -3.56
CA VAL A 381 11.05 2.67 -3.51
C VAL A 381 10.97 4.11 -3.02
N CYS A 382 11.64 4.40 -1.91
CA CYS A 382 11.67 5.77 -1.37
C CYS A 382 12.14 6.77 -2.41
N ALA A 383 13.27 6.48 -3.05
CA ALA A 383 13.85 7.33 -4.08
C ALA A 383 12.86 7.55 -5.24
N GLN A 384 12.18 6.48 -5.63
CA GLN A 384 11.20 6.53 -6.69
C GLN A 384 9.98 7.38 -6.30
N ALA A 385 9.51 7.23 -5.07
CA ALA A 385 8.36 8.00 -4.57
C ALA A 385 8.67 9.49 -4.48
N GLU A 386 9.92 9.79 -4.15
CA GLU A 386 10.39 11.18 -4.06
C GLU A 386 10.44 11.91 -5.42
N THR A 387 10.47 11.15 -6.52
CA THR A 387 10.38 11.77 -7.86
C THR A 387 8.95 12.22 -8.21
N CYS A 388 7.97 11.71 -7.45
CA CYS A 388 6.56 12.04 -7.66
C CYS A 388 6.15 13.34 -6.95
N ILE A 389 7.07 13.93 -6.22
CA ILE A 389 6.78 15.13 -5.43
C ILE A 389 6.90 16.38 -6.28
N ASP A 390 5.87 17.23 -6.19
CA ASP A 390 5.93 18.57 -6.75
C ASP A 390 6.49 19.50 -5.67
N TYR A 391 7.81 19.71 -5.73
CA TYR A 391 8.53 20.43 -4.67
C TYR A 391 8.09 21.88 -4.42
N PRO A 392 8.01 22.71 -5.49
CA PRO A 392 7.46 24.06 -5.28
C PRO A 392 6.09 24.07 -4.59
N VAL A 393 5.21 23.15 -4.98
CA VAL A 393 3.87 23.07 -4.40
C VAL A 393 3.94 22.65 -2.93
N LEU A 394 4.75 21.64 -2.65
CA LEU A 394 4.94 21.17 -1.28
C LEU A 394 5.47 22.29 -0.38
N TYR A 395 6.44 23.05 -0.90
CA TYR A 395 7.03 24.17 -0.15
C TYR A 395 5.98 25.21 0.25
N HIS A 396 5.15 25.62 -0.71
CA HIS A 396 4.14 26.65 -0.45
C HIS A 396 3.10 26.20 0.51
N ALA A 397 2.74 24.91 0.45
CA ALA A 397 1.78 24.33 1.39
C ALA A 397 2.27 24.44 2.84
N ILE A 398 3.50 23.99 3.09
CA ILE A 398 4.11 24.08 4.42
C ILE A 398 4.32 25.52 4.86
N HIS A 399 4.84 26.36 3.97
CA HIS A 399 5.09 27.77 4.27
C HIS A 399 3.83 28.50 4.69
N SER A 400 2.73 28.21 4.01
CA SER A 400 1.42 28.81 4.32
C SER A 400 0.82 28.30 5.63
N SER A 401 1.10 27.05 5.99
CA SER A 401 0.56 26.44 7.21
C SER A 401 1.23 26.94 8.49
N VAL A 402 2.37 27.60 8.34
CA VAL A 402 3.16 28.05 9.49
C VAL A 402 2.81 29.51 9.84
N PRO A 403 2.29 29.73 11.06
CA PRO A 403 1.87 31.06 11.50
C PRO A 403 3.04 32.03 11.62
N LYS A 404 2.83 33.26 11.13
CA LYS A 404 3.85 34.29 11.13
C LYS A 404 3.55 35.32 12.23
N PRO A 405 4.59 35.96 12.80
CA PRO A 405 6.02 35.84 12.48
C PRO A 405 6.67 34.59 13.07
N VAL A 406 7.79 34.19 12.48
CA VAL A 406 8.58 33.06 12.96
C VAL A 406 9.86 33.58 13.64
N ALA A 407 10.62 32.69 14.27
CA ALA A 407 11.92 33.05 14.80
C ALA A 407 12.93 33.21 13.67
N VAL A 408 14.02 33.93 13.94
CA VAL A 408 15.07 34.19 12.95
C VAL A 408 15.57 32.91 12.27
N PRO A 409 15.98 31.88 13.05
CA PRO A 409 16.47 30.65 12.43
C PRO A 409 15.51 30.04 11.41
N GLU A 410 14.21 30.04 11.70
CA GLU A 410 13.24 29.47 10.79
C GLU A 410 13.09 30.31 9.51
N ALA A 411 13.15 31.63 9.66
CA ALA A 411 13.10 32.52 8.51
C ALA A 411 14.29 32.31 7.58
N ILE A 412 15.49 32.17 8.16
CA ILE A 412 16.70 31.88 7.39
C ILE A 412 16.54 30.56 6.63
N ALA A 413 15.96 29.56 7.32
CA ALA A 413 15.72 28.25 6.71
C ALA A 413 14.83 28.32 5.47
N CYS A 414 13.72 29.04 5.59
CA CYS A 414 12.80 29.25 4.45
C CYS A 414 13.46 29.95 3.28
N SER A 415 14.23 30.99 3.58
CA SER A 415 14.90 31.75 2.55
C SER A 415 15.95 30.92 1.82
N ALA A 416 16.61 30.01 2.55
CA ALA A 416 17.57 29.08 1.97
C ALA A 416 16.89 28.19 0.94
N VAL A 417 15.73 27.65 1.30
CA VAL A 417 14.95 26.79 0.40
C VAL A 417 14.44 27.56 -0.82
N GLU A 418 13.97 28.78 -0.60
CA GLU A 418 13.51 29.62 -1.71
C GLU A 418 14.67 29.99 -2.64
N SER A 419 15.80 30.39 -2.04
CA SER A 419 17.00 30.73 -2.79
C SER A 419 17.53 29.58 -3.64
N ALA A 420 17.54 28.38 -3.07
CA ALA A 420 18.02 27.19 -3.75
C ALA A 420 17.18 26.93 -5.00
N HIS A 421 15.88 27.16 -4.88
CA HIS A 421 14.95 27.01 -5.98
C HIS A 421 15.17 28.06 -7.04
N ASP A 422 15.32 29.30 -6.61
CA ASP A 422 15.45 30.43 -7.53
C ASP A 422 16.73 30.41 -8.38
N VAL A 423 17.83 29.89 -7.83
CA VAL A 423 19.08 29.77 -8.61
C VAL A 423 19.33 28.36 -9.13
N ASN A 424 18.40 27.46 -8.84
CA ASN A 424 18.54 26.05 -9.22
C ASN A 424 19.79 25.40 -8.62
N ALA A 425 19.99 25.65 -7.33
CA ALA A 425 21.12 25.09 -6.57
C ALA A 425 21.01 23.58 -6.42
N LYS A 426 22.14 22.94 -6.16
CA LYS A 426 22.19 21.49 -6.02
C LYS A 426 22.24 21.06 -4.57
N LEU A 427 22.73 21.95 -3.70
CA LEU A 427 22.89 21.63 -2.28
C LEU A 427 22.53 22.80 -1.37
N ILE A 428 22.05 22.46 -0.17
CA ILE A 428 21.93 23.42 0.91
C ILE A 428 22.86 22.96 2.03
N ILE A 429 23.91 23.73 2.26
CA ILE A 429 24.89 23.41 3.31
C ILE A 429 24.63 24.28 4.55
N THR A 430 24.53 23.62 5.70
CA THR A 430 24.30 24.35 6.95
C THR A 430 25.36 24.03 8.01
N ILE A 431 25.99 25.08 8.52
CA ILE A 431 26.95 24.96 9.62
C ILE A 431 26.15 25.08 10.90
N THR A 432 26.15 24.01 11.69
CA THR A 432 25.30 23.94 12.88
C THR A 432 26.01 23.27 14.06
N GLU A 433 25.72 23.73 15.26
CA GLU A 433 26.29 23.16 16.47
C GLU A 433 25.26 22.31 17.22
N THR A 434 23.99 22.45 16.86
CA THR A 434 22.90 21.74 17.53
C THR A 434 22.06 20.89 16.56
N GLY A 435 22.13 21.23 15.27
CA GLY A 435 21.31 20.56 14.27
C GLY A 435 19.96 21.23 14.02
N ASN A 436 19.66 22.26 14.79
CA ASN A 436 18.36 22.91 14.72
C ASN A 436 18.05 23.54 13.35
N THR A 437 19.02 24.26 12.80
CA THR A 437 18.87 24.83 11.46
C THR A 437 18.68 23.72 10.41
N ALA A 438 19.37 22.60 10.57
CA ALA A 438 19.23 21.48 9.65
C ALA A 438 17.83 20.86 9.73
N ARG A 439 17.28 20.78 10.94
CA ARG A 439 15.90 20.33 11.14
C ARG A 439 14.87 21.29 10.53
N LEU A 440 15.13 22.59 10.67
CA LEU A 440 14.25 23.62 10.11
C LEU A 440 14.26 23.63 8.58
N ILE A 441 15.44 23.44 7.97
CA ILE A 441 15.52 23.35 6.51
C ILE A 441 14.75 22.12 6.05
N SER A 442 14.92 21.00 6.76
CA SER A 442 14.24 19.74 6.45
C SER A 442 12.71 19.87 6.49
N LYS A 443 12.22 20.65 7.45
CA LYS A 443 10.80 20.97 7.58
C LYS A 443 10.20 21.58 6.30
N TYR A 444 11.01 22.33 5.55
CA TYR A 444 10.48 23.00 4.36
C TYR A 444 10.71 22.22 3.06
N ARG A 445 11.19 20.99 3.21
CA ARG A 445 11.23 19.99 2.14
C ARG A 445 11.89 20.43 0.83
N PRO A 446 13.16 20.86 0.89
CA PRO A 446 13.83 21.26 -0.34
C PRO A 446 14.07 20.07 -1.26
N SER A 447 14.11 20.32 -2.57
CA SER A 447 14.48 19.27 -3.51
C SER A 447 15.97 18.98 -3.38
N GLN A 448 16.73 19.99 -2.96
CA GLN A 448 18.17 19.84 -2.79
C GLN A 448 18.48 19.04 -1.54
N THR A 449 19.52 18.23 -1.62
CA THR A 449 20.05 17.52 -0.45
C THR A 449 20.58 18.55 0.55
N ILE A 450 20.30 18.32 1.84
CA ILE A 450 20.80 19.17 2.90
C ILE A 450 22.04 18.55 3.52
N ILE A 451 23.15 19.30 3.49
CA ILE A 451 24.38 18.86 4.11
C ILE A 451 24.65 19.64 5.39
N ALA A 452 24.61 18.93 6.52
CA ALA A 452 24.82 19.53 7.83
C ALA A 452 26.24 19.33 8.32
N CYS A 453 26.93 20.45 8.59
CA CYS A 453 28.31 20.44 9.05
C CYS A 453 28.39 20.78 10.52
N THR A 454 28.94 19.86 11.30
CA THR A 454 29.03 20.01 12.74
C THR A 454 30.34 19.41 13.24
N ALA A 455 30.75 19.84 14.43
CA ALA A 455 31.95 19.29 15.08
C ALA A 455 31.57 18.22 16.11
N LYS A 456 30.27 18.07 16.35
CA LYS A 456 29.77 17.14 17.36
C LYS A 456 29.13 15.93 16.71
N PRO A 457 29.77 14.75 16.85
CA PRO A 457 29.22 13.51 16.26
C PRO A 457 27.79 13.18 16.74
N GLU A 458 27.46 13.56 17.98
CA GLU A 458 26.12 13.29 18.52
C GLU A 458 25.04 14.03 17.72
N VAL A 459 25.35 15.28 17.34
CA VAL A 459 24.46 16.09 16.51
C VAL A 459 24.18 15.41 15.17
N ALA A 460 25.23 14.89 14.54
CA ALA A 460 25.09 14.16 13.27
C ALA A 460 24.17 12.94 13.41
N ARG A 461 24.35 12.15 14.47
CA ARG A 461 23.51 10.97 14.68
C ARG A 461 22.06 11.35 14.93
N GLY A 462 21.86 12.46 15.65
CA GLY A 462 20.54 12.95 15.95
C GLY A 462 19.77 13.30 14.68
N LEU A 463 20.51 13.75 13.67
CA LEU A 463 19.91 14.19 12.40
C LEU A 463 19.54 13.04 11.46
N LYS A 464 19.79 11.81 11.89
CA LYS A 464 19.55 10.65 11.05
C LYS A 464 18.07 10.28 10.92
N ILE A 465 17.21 11.02 11.62
CA ILE A 465 15.77 10.86 11.47
C ILE A 465 15.10 12.03 10.72
N ALA A 466 15.91 12.99 10.27
CA ALA A 466 15.42 14.13 9.52
C ALA A 466 15.55 13.90 8.02
N ARG A 467 14.44 14.04 7.30
CA ARG A 467 14.43 13.79 5.85
C ARG A 467 15.41 14.68 5.10
N GLY A 468 16.16 14.05 4.19
CA GLY A 468 17.05 14.74 3.26
C GLY A 468 18.30 15.35 3.87
N VAL A 469 18.64 14.94 5.08
CA VAL A 469 19.82 15.48 5.75
C VAL A 469 20.99 14.50 5.72
N LYS A 470 22.07 14.92 5.08
CA LYS A 470 23.34 14.20 5.14
C LYS A 470 24.27 15.03 6.01
N THR A 471 25.15 14.38 6.76
CA THR A 471 26.01 15.08 7.71
C THR A 471 27.52 14.94 7.45
N TYR A 472 28.25 16.03 7.61
CA TYR A 472 29.72 15.99 7.62
C TYR A 472 30.21 16.37 9.00
N VAL A 473 30.90 15.43 9.65
CA VAL A 473 31.48 15.66 10.97
C VAL A 473 32.89 16.21 10.82
N LEU A 474 33.17 17.33 11.48
CA LEU A 474 34.47 17.99 11.36
C LEU A 474 35.17 18.12 12.70
N ASN A 475 36.48 18.33 12.65
CA ASN A 475 37.28 18.62 13.85
C ASN A 475 36.90 19.98 14.45
N SER A 476 36.77 20.98 13.57
CA SER A 476 36.38 22.32 13.99
C SER A 476 35.33 22.90 13.06
N ILE A 477 34.59 23.87 13.57
CA ILE A 477 33.48 24.47 12.84
C ILE A 477 33.56 26.01 12.85
N HIS A 478 34.74 26.51 13.24
CA HIS A 478 34.94 27.95 13.48
C HIS A 478 35.15 28.77 12.24
N HIS A 479 35.85 28.22 11.25
CA HIS A 479 36.13 28.96 10.02
C HIS A 479 35.15 28.66 8.92
N SER A 480 34.10 29.48 8.83
CA SER A 480 33.02 29.32 7.85
C SER A 480 33.52 29.02 6.43
N GLU A 481 34.43 29.87 5.95
CA GLU A 481 34.98 29.75 4.60
C GLU A 481 35.59 28.38 4.35
N VAL A 482 36.45 27.94 5.26
CA VAL A 482 37.13 26.64 5.18
C VAL A 482 36.13 25.49 5.23
N VAL A 483 35.23 25.54 6.20
CA VAL A 483 34.17 24.53 6.37
C VAL A 483 33.39 24.32 5.08
N ILE A 484 32.97 25.42 4.45
CA ILE A 484 32.21 25.38 3.21
C ILE A 484 33.04 24.78 2.06
N SER A 485 34.30 25.20 1.97
CA SER A 485 35.24 24.69 0.97
C SER A 485 35.39 23.18 1.06
N ASN A 486 35.70 22.68 2.26
CA ASN A 486 35.83 21.24 2.49
C ASN A 486 34.54 20.50 2.17
N ALA A 487 33.40 21.08 2.55
CA ALA A 487 32.09 20.47 2.33
C ALA A 487 31.76 20.37 0.84
N LEU A 488 32.08 21.41 0.08
CA LEU A 488 31.91 21.38 -1.37
C LEU A 488 32.87 20.41 -2.06
N ALA A 489 34.10 20.32 -1.53
CA ALA A 489 35.09 19.38 -2.05
C ALA A 489 34.68 17.94 -1.77
N LEU A 490 34.27 17.67 -0.54
CA LEU A 490 33.81 16.34 -0.16
C LEU A 490 32.53 15.96 -0.91
N ALA A 491 31.62 16.91 -1.08
CA ALA A 491 30.37 16.68 -1.83
C ALA A 491 30.62 16.43 -3.31
N LYS A 492 31.62 17.12 -3.87
CA LYS A 492 32.06 16.90 -5.25
C LYS A 492 32.60 15.48 -5.40
N GLU A 493 33.40 15.06 -4.43
CA GLU A 493 33.96 13.69 -4.39
C GLU A 493 32.86 12.62 -4.30
N GLU A 494 31.77 12.94 -3.62
CA GLU A 494 30.65 12.01 -3.44
C GLU A 494 29.60 12.10 -4.54
N SER A 495 29.91 12.86 -5.59
CA SER A 495 29.04 13.03 -6.75
C SER A 495 27.68 13.68 -6.40
N LEU A 496 27.72 14.62 -5.47
CA LEU A 496 26.51 15.34 -5.05
C LEU A 496 26.42 16.71 -5.71
N ILE A 497 27.57 17.24 -6.13
CA ILE A 497 27.66 18.55 -6.79
C ILE A 497 28.81 18.58 -7.80
N GLU A 498 28.71 19.48 -8.78
CA GLU A 498 29.76 19.65 -9.79
C GLU A 498 30.25 21.09 -9.83
N SER A 499 31.39 21.31 -10.49
CA SER A 499 31.95 22.66 -10.67
C SER A 499 30.97 23.56 -11.42
N GLY A 500 30.86 24.81 -10.98
CA GLY A 500 29.93 25.76 -11.60
C GLY A 500 28.52 25.73 -11.03
N ASP A 501 28.18 24.67 -10.29
CA ASP A 501 26.88 24.56 -9.63
C ASP A 501 26.78 25.45 -8.39
N PHE A 502 25.57 25.91 -8.10
CA PHE A 502 25.33 26.72 -6.91
C PHE A 502 25.00 25.88 -5.69
N ALA A 503 25.40 26.38 -4.53
CA ALA A 503 24.99 25.84 -3.25
C ALA A 503 24.61 26.99 -2.34
N ILE A 504 23.61 26.76 -1.49
CA ILE A 504 23.24 27.72 -0.46
C ILE A 504 23.99 27.36 0.81
N ALA A 505 24.72 28.32 1.36
CA ALA A 505 25.39 28.15 2.63
C ALA A 505 24.65 28.89 3.73
N VAL A 506 24.35 28.17 4.81
CA VAL A 506 23.67 28.75 5.97
C VAL A 506 24.49 28.51 7.23
N HIS A 507 24.66 29.55 8.04
CA HIS A 507 25.27 29.40 9.37
C HIS A 507 24.85 30.47 10.34
N ASN A 518 21.58 32.47 11.50
CA ASN A 518 21.16 33.88 11.27
C ASN A 518 21.69 34.47 9.95
N LEU A 519 22.48 33.69 9.22
CA LEU A 519 23.14 34.15 8.00
C LEU A 519 22.93 33.18 6.84
N MET A 520 22.75 33.73 5.65
CA MET A 520 22.59 32.92 4.43
C MET A 520 23.41 33.53 3.28
N LYS A 521 24.14 32.68 2.56
CA LYS A 521 24.83 33.10 1.34
C LYS A 521 24.72 32.07 0.23
N ILE A 522 24.93 32.52 -1.01
CA ILE A 522 24.94 31.63 -2.15
C ILE A 522 26.36 31.58 -2.73
N VAL A 523 26.95 30.39 -2.73
CA VAL A 523 28.31 30.19 -3.23
C VAL A 523 28.31 29.33 -4.48
N ARG A 524 29.42 29.39 -5.24
CA ARG A 524 29.59 28.55 -6.42
C ARG A 524 30.65 27.49 -6.14
N CYS A 525 30.34 26.25 -6.53
CA CYS A 525 31.25 25.12 -6.34
C CYS A 525 32.48 25.22 -7.24
N PRO A 526 33.69 25.31 -6.63
CA PRO A 526 34.94 25.41 -7.38
C PRO A 526 35.18 24.17 -8.24
N LYS B 23 -5.78 17.74 6.47
CA LYS B 23 -7.00 18.60 6.56
C LYS B 23 -8.28 17.76 6.53
N ALA B 24 -8.54 17.12 5.39
CA ALA B 24 -9.69 16.24 5.23
C ALA B 24 -9.47 14.91 5.95
N THR B 25 -8.22 14.44 5.96
CA THR B 25 -7.84 13.22 6.65
C THR B 25 -7.94 13.40 8.18
N CYS B 26 -7.69 14.62 8.65
CA CYS B 26 -7.72 14.89 10.08
C CYS B 26 -9.12 15.09 10.67
N LEU B 27 -10.07 15.52 9.84
CA LEU B 27 -11.47 15.56 10.23
C LEU B 27 -11.98 14.15 10.51
N GLY B 28 -11.46 13.19 9.74
CA GLY B 28 -11.78 11.78 9.92
C GLY B 28 -11.22 11.19 11.20
N MET B 29 -10.08 11.70 11.64
CA MET B 29 -9.41 11.22 12.86
C MET B 29 -10.19 11.59 14.13
N ASP B 30 -10.88 12.72 14.09
CA ASP B 30 -11.71 13.18 15.20
C ASP B 30 -12.95 12.28 15.40
N LYS B 31 -13.44 11.72 14.30
CA LYS B 31 -14.60 10.83 14.32
C LYS B 31 -14.25 9.41 14.79
N ILE B 32 -12.99 9.02 14.62
CA ILE B 32 -12.50 7.69 15.02
C ILE B 32 -12.71 7.46 16.53
N THR B 42 -23.71 8.43 3.36
CA THR B 42 -22.72 8.57 2.26
C THR B 42 -22.17 7.21 1.78
N GLN B 43 -22.76 6.72 0.68
CA GLN B 43 -22.38 5.41 0.15
C GLN B 43 -21.08 5.43 -0.65
N ARG B 44 -20.49 4.25 -0.79
CA ARG B 44 -19.25 4.06 -1.55
C ARG B 44 -19.45 4.43 -3.04
N LYS B 45 -18.47 5.13 -3.60
CA LYS B 45 -18.53 5.58 -4.98
C LYS B 45 -17.70 4.68 -5.91
N THR B 46 -16.55 4.24 -5.42
CA THR B 46 -15.66 3.37 -6.18
C THR B 46 -16.33 2.00 -6.41
N GLN B 47 -16.31 1.55 -7.66
CA GLN B 47 -16.94 0.30 -8.06
C GLN B 47 -16.02 -0.87 -7.75
N ILE B 48 -16.60 -2.04 -7.50
CA ILE B 48 -15.82 -3.22 -7.14
C ILE B 48 -16.05 -4.37 -8.12
N ILE B 49 -14.95 -4.89 -8.65
CA ILE B 49 -14.96 -6.04 -9.52
C ILE B 49 -14.54 -7.29 -8.76
N CYS B 50 -15.41 -8.30 -8.77
CA CYS B 50 -15.08 -9.59 -8.17
C CYS B 50 -14.88 -10.64 -9.24
N THR B 51 -13.81 -11.41 -9.09
CA THR B 51 -13.53 -12.54 -9.95
C THR B 51 -14.29 -13.74 -9.41
N ILE B 52 -15.13 -14.32 -10.26
CA ILE B 52 -15.95 -15.45 -9.84
C ILE B 52 -15.26 -16.76 -10.19
N GLY B 53 -15.04 -17.60 -9.19
CA GLY B 53 -14.45 -18.92 -9.37
C GLY B 53 -15.18 -19.96 -8.56
N PRO B 54 -14.53 -21.11 -8.29
CA PRO B 54 -15.14 -22.23 -7.57
C PRO B 54 -15.72 -21.85 -6.19
N SER B 55 -14.98 -21.05 -5.43
CA SER B 55 -15.37 -20.65 -4.08
C SER B 55 -16.68 -19.85 -4.00
N CYS B 56 -17.11 -19.28 -5.11
CA CYS B 56 -18.27 -18.39 -5.12
C CYS B 56 -19.11 -18.50 -6.40
N ASN B 57 -19.23 -19.73 -6.91
CA ASN B 57 -19.89 -19.99 -8.18
C ASN B 57 -21.42 -20.05 -8.09
N ASN B 58 -21.94 -20.45 -6.93
CA ASN B 58 -23.38 -20.68 -6.76
C ASN B 58 -24.18 -19.40 -6.51
N VAL B 59 -25.48 -19.48 -6.78
CA VAL B 59 -26.42 -18.35 -6.65
C VAL B 59 -26.33 -17.67 -5.28
N GLU B 60 -26.42 -18.47 -4.23
CA GLU B 60 -26.37 -17.97 -2.84
C GLU B 60 -25.12 -17.12 -2.58
N SER B 61 -23.96 -17.57 -3.06
CA SER B 61 -22.70 -16.86 -2.90
C SER B 61 -22.71 -15.53 -3.64
N LEU B 62 -23.21 -15.56 -4.88
CA LEU B 62 -23.26 -14.38 -5.72
C LEU B 62 -24.23 -13.32 -5.17
N ILE B 63 -25.33 -13.76 -4.58
CA ILE B 63 -26.22 -12.87 -3.85
C ILE B 63 -25.45 -12.21 -2.72
N GLY B 64 -24.67 -13.00 -1.98
CA GLY B 64 -23.83 -12.50 -0.90
C GLY B 64 -22.85 -11.43 -1.38
N LEU B 65 -22.19 -11.72 -2.50
CA LEU B 65 -21.23 -10.79 -3.10
C LEU B 65 -21.86 -9.47 -3.50
N ILE B 66 -23.09 -9.51 -4.01
CA ILE B 66 -23.85 -8.30 -4.32
C ILE B 66 -24.07 -7.47 -3.05
N ASP B 67 -24.53 -8.13 -1.98
CA ASP B 67 -24.76 -7.46 -0.70
C ASP B 67 -23.49 -6.88 -0.08
N LYS B 68 -22.34 -7.51 -0.33
CA LYS B 68 -21.05 -7.00 0.18
C LYS B 68 -20.53 -5.81 -0.64
N GLY B 69 -20.95 -5.73 -1.90
CA GLY B 69 -20.67 -4.56 -2.73
C GLY B 69 -20.17 -4.79 -4.14
N MET B 70 -20.35 -6.00 -4.67
CA MET B 70 -19.92 -6.31 -6.04
C MET B 70 -20.73 -5.54 -7.08
N SER B 71 -20.02 -4.79 -7.91
CA SER B 71 -20.61 -4.07 -9.04
C SER B 71 -20.53 -4.90 -10.32
N VAL B 72 -19.38 -5.55 -10.52
CA VAL B 72 -19.09 -6.29 -11.75
C VAL B 72 -18.52 -7.67 -11.42
N ALA B 73 -19.04 -8.69 -12.10
CA ALA B 73 -18.52 -10.05 -11.99
C ALA B 73 -17.59 -10.35 -13.16
N ARG B 74 -16.35 -10.73 -12.85
CA ARG B 74 -15.33 -11.03 -13.84
C ARG B 74 -15.13 -12.54 -14.02
N LEU B 75 -15.15 -12.96 -15.28
CA LEU B 75 -14.85 -14.34 -15.64
C LEU B 75 -13.48 -14.37 -16.30
N ASN B 76 -12.53 -15.02 -15.64
CA ASN B 76 -11.18 -15.17 -16.14
C ASN B 76 -11.09 -16.37 -17.05
N PHE B 77 -11.13 -16.13 -18.36
CA PHE B 77 -11.13 -17.21 -19.35
C PHE B 77 -9.78 -17.91 -19.52
N SER B 78 -8.84 -17.62 -18.63
CA SER B 78 -7.60 -18.38 -18.56
C SER B 78 -7.85 -19.72 -17.86
N HIS B 79 -8.99 -19.83 -17.17
CA HIS B 79 -9.39 -21.03 -16.46
C HIS B 79 -10.79 -21.44 -16.79
N GLY B 80 -11.10 -22.72 -16.59
CA GLY B 80 -12.44 -23.26 -16.82
C GLY B 80 -12.70 -23.64 -18.27
N ASP B 81 -13.90 -24.19 -18.52
CA ASP B 81 -14.32 -24.57 -19.87
C ASP B 81 -15.64 -23.88 -20.23
N HIS B 82 -16.22 -24.24 -21.38
CA HIS B 82 -17.49 -23.65 -21.81
C HIS B 82 -18.58 -23.82 -20.79
N GLU B 83 -18.75 -25.05 -20.31
CA GLU B 83 -19.81 -25.37 -19.36
C GLU B 83 -19.64 -24.71 -17.99
N SER B 84 -18.40 -24.60 -17.53
CA SER B 84 -18.07 -23.91 -16.29
C SER B 84 -18.45 -22.43 -16.38
N HIS B 85 -18.09 -21.80 -17.51
CA HIS B 85 -18.37 -20.37 -17.73
C HIS B 85 -19.84 -20.12 -17.91
N PHE B 86 -20.52 -21.01 -18.64
CA PHE B 86 -21.95 -20.85 -18.90
C PHE B 86 -22.82 -20.99 -17.65
N LYS B 87 -22.46 -21.94 -16.79
CA LYS B 87 -23.17 -22.13 -15.52
C LYS B 87 -23.03 -20.88 -14.65
N THR B 88 -21.80 -20.39 -14.54
CA THR B 88 -21.48 -19.19 -13.79
C THR B 88 -22.29 -17.99 -14.29
N LEU B 89 -22.35 -17.84 -15.61
CA LEU B 89 -23.12 -16.76 -16.25
C LEU B 89 -24.59 -16.80 -15.85
N GLN B 90 -25.15 -18.01 -15.76
CA GLN B 90 -26.54 -18.20 -15.36
C GLN B 90 -26.73 -17.86 -13.89
N ASN B 91 -25.80 -18.30 -13.05
CA ASN B 91 -25.86 -18.03 -11.63
C ASN B 91 -25.79 -16.54 -11.32
N ILE B 92 -24.86 -15.84 -11.97
CA ILE B 92 -24.76 -14.38 -11.87
C ILE B 92 -26.09 -13.72 -12.19
N ARG B 93 -26.69 -14.13 -13.30
CA ARG B 93 -27.94 -13.55 -13.78
C ARG B 93 -29.15 -13.92 -12.92
N GLU B 94 -29.13 -15.11 -12.32
CA GLU B 94 -30.18 -15.49 -11.38
C GLU B 94 -30.03 -14.71 -10.07
N ALA B 95 -28.79 -14.55 -9.61
CA ALA B 95 -28.49 -13.77 -8.40
C ALA B 95 -28.88 -12.30 -8.57
N ALA B 96 -28.62 -11.75 -9.76
CA ALA B 96 -28.98 -10.36 -10.06
C ALA B 96 -30.50 -10.14 -10.00
N LYS B 97 -31.27 -11.16 -10.40
CA LYS B 97 -32.73 -11.08 -10.36
C LYS B 97 -33.26 -11.05 -8.93
N ALA B 98 -32.51 -11.66 -8.01
CA ALA B 98 -32.85 -11.65 -6.59
C ALA B 98 -32.50 -10.32 -5.91
N ARG B 99 -31.83 -9.44 -6.64
CA ARG B 99 -31.52 -8.09 -6.14
C ARG B 99 -31.87 -7.02 -7.17
N PRO B 100 -33.17 -6.77 -7.39
CA PRO B 100 -33.63 -5.89 -8.46
C PRO B 100 -33.22 -4.42 -8.33
N HIS B 101 -32.84 -3.98 -7.13
CA HIS B 101 -32.34 -2.61 -6.93
C HIS B 101 -30.89 -2.45 -7.28
N SER B 102 -30.20 -3.55 -7.47
CA SER B 102 -28.79 -3.54 -7.88
C SER B 102 -28.66 -3.75 -9.39
N THR B 103 -27.51 -3.36 -9.93
CA THR B 103 -27.19 -3.66 -11.32
C THR B 103 -25.82 -4.31 -11.35
N VAL B 104 -25.74 -5.51 -11.93
CA VAL B 104 -24.47 -6.23 -12.00
C VAL B 104 -23.96 -6.32 -13.45
N GLY B 105 -22.76 -5.81 -13.66
CA GLY B 105 -22.10 -5.91 -14.97
C GLY B 105 -21.30 -7.20 -15.06
N ILE B 106 -21.13 -7.71 -16.27
CA ILE B 106 -20.39 -8.96 -16.47
C ILE B 106 -19.24 -8.75 -17.43
N MET B 107 -18.03 -9.08 -16.95
CA MET B 107 -16.79 -8.89 -17.67
C MET B 107 -16.15 -10.22 -18.08
N LEU B 108 -15.76 -10.32 -19.35
CA LEU B 108 -14.95 -11.42 -19.85
C LEU B 108 -13.49 -10.97 -19.95
N ASP B 109 -12.63 -11.67 -19.21
CA ASP B 109 -11.20 -11.41 -19.24
C ASP B 109 -10.52 -12.47 -20.13
N THR B 110 -9.96 -12.02 -21.25
CA THR B 110 -9.41 -12.93 -22.26
C THR B 110 -8.16 -13.68 -21.76
N LYS B 111 -8.00 -14.90 -22.25
CA LYS B 111 -6.78 -15.68 -22.01
C LYS B 111 -5.57 -14.95 -22.59
N GLY B 112 -5.71 -14.44 -23.81
CA GLY B 112 -4.61 -13.75 -24.48
C GLY B 112 -3.39 -14.63 -24.73
N PRO B 113 -2.25 -14.00 -25.05
CA PRO B 113 -1.02 -14.73 -25.34
C PRO B 113 -0.30 -15.19 -24.08
N GLU B 114 -0.67 -16.37 -23.58
CA GLU B 114 0.00 -16.92 -22.40
C GLU B 114 0.59 -18.31 -22.69
N ILE B 115 1.59 -18.68 -21.91
CA ILE B 115 2.18 -20.00 -22.01
C ILE B 115 1.96 -20.74 -20.70
N ARG B 116 1.27 -21.88 -20.79
CA ARG B 116 0.98 -22.70 -19.63
C ARG B 116 1.49 -24.13 -19.83
N THR B 117 1.85 -24.79 -18.73
CA THR B 117 2.28 -26.18 -18.77
C THR B 117 1.09 -27.12 -18.94
N GLY B 118 1.37 -28.41 -19.10
CA GLY B 118 0.32 -29.42 -19.24
C GLY B 118 -0.12 -30.01 -17.91
N MET B 119 -0.68 -31.20 -17.97
CA MET B 119 -1.13 -31.92 -16.77
C MET B 119 0.02 -32.78 -16.23
N LEU B 120 0.05 -32.95 -14.92
CA LEU B 120 1.14 -33.68 -14.25
C LEU B 120 0.86 -35.19 -14.11
N GLU B 121 1.70 -35.88 -13.35
CA GLU B 121 1.65 -37.33 -13.20
C GLU B 121 0.28 -37.82 -12.71
N GLY B 122 -0.56 -38.23 -13.66
CA GLY B 122 -1.93 -38.65 -13.37
C GLY B 122 -2.84 -37.48 -13.06
N GLY B 123 -2.46 -36.72 -12.02
CA GLY B 123 -3.20 -35.53 -11.60
C GLY B 123 -2.65 -34.94 -10.32
N LYS B 124 -1.50 -35.44 -9.88
CA LYS B 124 -0.88 -35.01 -8.62
C LYS B 124 0.34 -34.11 -8.86
N PRO B 125 0.49 -33.05 -8.03
CA PRO B 125 1.58 -32.06 -8.17
C PRO B 125 2.99 -32.65 -8.01
N ILE B 126 3.98 -31.96 -8.56
CA ILE B 126 5.38 -32.43 -8.54
C ILE B 126 6.38 -31.32 -8.18
N GLU B 127 7.33 -31.67 -7.31
CA GLU B 127 8.38 -30.76 -6.88
C GLU B 127 9.69 -31.07 -7.62
N LEU B 128 10.56 -30.08 -7.74
CA LEU B 128 11.85 -30.26 -8.42
C LEU B 128 13.04 -29.78 -7.59
N LYS B 129 14.19 -30.40 -7.81
CA LYS B 129 15.43 -30.05 -7.12
C LYS B 129 16.46 -29.53 -8.11
N ALA B 130 17.19 -28.49 -7.72
CA ALA B 130 18.23 -27.89 -8.55
C ALA B 130 19.32 -28.87 -8.95
N GLY B 131 19.79 -28.76 -10.19
CA GLY B 131 20.82 -29.65 -10.72
C GLY B 131 20.30 -30.69 -11.69
N GLN B 132 19.07 -31.15 -11.45
CA GLN B 132 18.42 -32.12 -12.33
C GLN B 132 18.06 -31.51 -13.68
N THR B 133 18.06 -32.33 -14.72
CA THR B 133 17.73 -31.86 -16.07
C THR B 133 16.27 -32.13 -16.38
N LEU B 134 15.48 -31.05 -16.45
CA LEU B 134 14.06 -31.14 -16.76
C LEU B 134 13.79 -30.95 -18.25
N LYS B 135 13.00 -31.85 -18.81
CA LYS B 135 12.59 -31.77 -20.22
C LYS B 135 11.21 -31.09 -20.34
N ILE B 136 11.01 -30.36 -21.44
CA ILE B 136 9.74 -29.70 -21.74
C ILE B 136 9.34 -29.97 -23.19
N THR B 137 8.28 -30.74 -23.39
CA THR B 137 7.79 -31.07 -24.74
C THR B 137 6.66 -30.12 -25.19
N THR B 138 6.52 -29.97 -26.51
CA THR B 138 5.46 -29.11 -27.07
C THR B 138 4.19 -29.90 -27.38
N ASP B 139 4.25 -31.21 -27.19
CA ASP B 139 3.07 -32.08 -27.27
C ASP B 139 2.20 -31.80 -26.04
N TYR B 140 1.22 -30.92 -26.21
CA TYR B 140 0.40 -30.44 -25.10
C TYR B 140 -0.48 -31.54 -24.49
N SER B 141 -0.93 -32.46 -25.33
CA SER B 141 -1.72 -33.60 -24.89
C SER B 141 -0.83 -34.72 -24.34
N MET B 142 -0.23 -34.47 -23.17
CA MET B 142 0.66 -35.44 -22.54
C MET B 142 0.72 -35.22 -21.02
N LEU B 143 0.77 -36.33 -20.27
CA LEU B 143 0.92 -36.28 -18.82
C LEU B 143 2.38 -36.16 -18.44
N GLY B 144 2.72 -35.06 -17.76
CA GLY B 144 4.09 -34.75 -17.39
C GLY B 144 4.52 -35.29 -16.04
N ASN B 145 5.72 -35.84 -15.98
CA ASN B 145 6.29 -36.30 -14.71
C ASN B 145 7.31 -35.31 -14.14
N SER B 146 8.20 -35.82 -13.28
CA SER B 146 9.22 -35.00 -12.64
C SER B 146 10.45 -34.82 -13.53
N GLU B 147 10.37 -35.31 -14.76
CA GLU B 147 11.49 -35.28 -15.70
C GLU B 147 11.11 -34.60 -17.01
N CYS B 148 9.90 -34.90 -17.51
CA CYS B 148 9.41 -34.33 -18.77
C CYS B 148 8.01 -33.75 -18.61
N ILE B 149 7.92 -32.43 -18.58
CA ILE B 149 6.62 -31.73 -18.51
C ILE B 149 6.15 -31.32 -19.90
N SER B 150 4.96 -30.71 -19.98
CA SER B 150 4.36 -30.31 -21.24
C SER B 150 4.25 -28.80 -21.38
N CYS B 151 3.85 -28.33 -22.56
CA CYS B 151 3.80 -26.90 -22.89
C CYS B 151 2.83 -26.60 -24.04
N SER B 152 2.08 -25.51 -23.91
CA SER B 152 1.07 -25.12 -24.90
C SER B 152 1.61 -24.32 -26.08
N TYR B 153 2.80 -23.74 -25.90
CA TYR B 153 3.45 -22.93 -26.94
C TYR B 153 4.29 -23.80 -27.87
N SER B 154 3.74 -24.08 -29.05
CA SER B 154 4.37 -24.97 -30.04
C SER B 154 5.67 -24.42 -30.67
N LEU B 155 5.79 -23.10 -30.69
CA LEU B 155 6.99 -22.44 -31.23
C LEU B 155 8.06 -22.22 -30.17
N LEU B 156 7.92 -22.91 -29.03
CA LEU B 156 8.90 -22.83 -27.93
C LEU B 156 10.36 -23.12 -28.35
N PRO B 157 10.61 -24.19 -29.13
CA PRO B 157 11.99 -24.47 -29.55
C PRO B 157 12.63 -23.36 -30.39
N LYS B 158 11.83 -22.73 -31.25
CA LYS B 158 12.31 -21.68 -32.13
C LYS B 158 12.34 -20.29 -31.47
N SER B 159 12.04 -20.23 -30.17
CA SER B 159 12.00 -18.96 -29.44
C SER B 159 13.13 -18.82 -28.43
N VAL B 160 13.73 -19.93 -28.01
CA VAL B 160 14.82 -19.92 -27.05
C VAL B 160 16.14 -20.34 -27.71
N GLN B 161 17.25 -20.06 -27.04
CA GLN B 161 18.56 -20.55 -27.46
C GLN B 161 19.28 -21.21 -26.28
N ILE B 162 20.46 -21.77 -26.53
CA ILE B 162 21.28 -22.35 -25.46
C ILE B 162 21.68 -21.24 -24.48
N GLY B 163 21.31 -21.42 -23.22
CA GLY B 163 21.60 -20.43 -22.19
C GLY B 163 20.43 -19.53 -21.82
N SER B 164 19.33 -19.66 -22.56
CA SER B 164 18.11 -18.91 -22.26
C SER B 164 17.50 -19.40 -20.95
N THR B 165 16.94 -18.45 -20.20
CA THR B 165 16.28 -18.76 -18.94
C THR B 165 14.79 -18.95 -19.16
N VAL B 166 14.25 -20.04 -18.64
CA VAL B 166 12.81 -20.33 -18.75
C VAL B 166 12.19 -20.35 -17.35
N LEU B 167 11.34 -19.36 -17.09
CA LEU B 167 10.67 -19.23 -15.79
C LEU B 167 9.30 -19.88 -15.82
N ILE B 168 8.93 -20.53 -14.72
CA ILE B 168 7.65 -21.21 -14.60
C ILE B 168 6.97 -20.84 -13.28
N ALA B 169 5.66 -20.58 -13.34
CA ALA B 169 4.84 -20.14 -12.20
C ALA B 169 5.30 -18.80 -11.62
N ASP B 170 5.61 -17.86 -12.52
CA ASP B 170 6.03 -16.50 -12.19
C ASP B 170 7.20 -16.41 -11.20
N GLY B 171 8.33 -16.99 -11.60
CA GLY B 171 9.54 -16.96 -10.78
C GLY B 171 9.57 -18.00 -9.69
N SER B 172 9.14 -19.21 -10.02
CA SER B 172 9.21 -20.34 -9.09
C SER B 172 10.25 -21.33 -9.59
N LEU B 173 10.02 -21.86 -10.80
CA LEU B 173 10.96 -22.79 -11.41
C LEU B 173 11.84 -22.07 -12.42
N SER B 174 13.02 -21.66 -11.98
CA SER B 174 13.99 -21.02 -12.84
C SER B 174 14.88 -22.09 -13.46
N THR B 175 14.87 -22.16 -14.80
CA THR B 175 15.64 -23.16 -15.53
C THR B 175 16.53 -22.52 -16.60
N GLN B 176 17.43 -23.31 -17.18
CA GLN B 176 18.33 -22.84 -18.21
C GLN B 176 18.50 -23.87 -19.32
N VAL B 177 18.23 -23.45 -20.56
CA VAL B 177 18.21 -24.33 -21.73
C VAL B 177 19.57 -24.97 -22.03
N LEU B 178 19.58 -26.29 -22.14
CA LEU B 178 20.79 -27.07 -22.42
C LEU B 178 20.74 -27.68 -23.82
N GLU B 179 19.53 -28.00 -24.28
CA GLU B 179 19.33 -28.61 -25.60
C GLU B 179 17.99 -28.21 -26.20
N ILE B 180 17.96 -28.05 -27.53
CA ILE B 180 16.75 -27.73 -28.26
C ILE B 180 16.49 -28.77 -29.35
N GLY B 181 15.34 -29.44 -29.26
CA GLY B 181 14.92 -30.40 -30.27
C GLY B 181 13.83 -29.85 -31.18
N ASP B 182 13.31 -30.72 -32.04
CA ASP B 182 12.26 -30.35 -33.01
C ASP B 182 10.95 -29.93 -32.32
N ASP B 183 10.59 -30.63 -31.24
CA ASP B 183 9.37 -30.35 -30.50
C ASP B 183 9.55 -30.42 -28.98
N PHE B 184 10.73 -30.04 -28.51
CA PHE B 184 11.06 -30.06 -27.08
C PHE B 184 12.30 -29.24 -26.74
N ILE B 185 12.49 -28.97 -25.45
CA ILE B 185 13.73 -28.37 -24.92
C ILE B 185 14.14 -29.08 -23.62
N VAL B 186 15.44 -29.17 -23.38
CA VAL B 186 15.96 -29.73 -22.13
C VAL B 186 16.62 -28.63 -21.31
N CYS B 187 16.14 -28.45 -20.08
CA CYS B 187 16.61 -27.37 -19.22
C CYS B 187 17.32 -27.88 -17.97
N LYS B 188 17.98 -26.96 -17.26
CA LYS B 188 18.67 -27.27 -16.02
C LYS B 188 18.03 -26.47 -14.88
N VAL B 189 17.37 -27.18 -13.97
CA VAL B 189 16.71 -26.57 -12.81
C VAL B 189 17.74 -25.81 -11.97
N LEU B 190 17.55 -24.50 -11.84
CA LEU B 190 18.49 -23.63 -11.12
C LEU B 190 18.18 -23.52 -9.64
N ASN B 191 16.90 -23.43 -9.29
CA ASN B 191 16.47 -23.31 -7.90
C ASN B 191 15.36 -24.30 -7.54
N SER B 192 15.56 -25.01 -6.43
CA SER B 192 14.64 -26.06 -5.98
C SER B 192 13.34 -25.49 -5.41
N VAL B 193 12.25 -25.64 -6.16
CA VAL B 193 10.92 -25.14 -5.76
C VAL B 193 9.81 -26.13 -6.15
N THR B 194 8.63 -25.96 -5.55
CA THR B 194 7.46 -26.81 -5.82
C THR B 194 6.40 -26.09 -6.68
N ILE B 195 5.87 -26.80 -7.67
CA ILE B 195 4.84 -26.25 -8.58
C ILE B 195 3.75 -27.28 -8.93
N GLY B 196 2.62 -26.78 -9.42
CA GLY B 196 1.49 -27.64 -9.80
C GLY B 196 1.27 -27.73 -11.30
N GLU B 197 0.01 -27.88 -11.69
CA GLU B 197 -0.39 -28.00 -13.10
C GLU B 197 -0.77 -26.64 -13.67
N ARG B 198 -0.91 -26.58 -15.01
CA ARG B 198 -1.37 -25.39 -15.73
C ARG B 198 -0.66 -24.09 -15.32
N LYS B 199 0.56 -24.21 -14.81
CA LYS B 199 1.28 -23.05 -14.27
C LYS B 199 1.79 -22.11 -15.35
N ASN B 200 1.97 -20.84 -14.97
CA ASN B 200 2.47 -19.79 -15.87
C ASN B 200 3.86 -20.10 -16.38
N MET B 201 4.20 -19.58 -17.56
CA MET B 201 5.54 -19.77 -18.13
C MET B 201 6.04 -18.51 -18.82
N ASN B 202 7.28 -18.12 -18.50
CA ASN B 202 7.87 -16.90 -19.02
C ASN B 202 9.22 -17.15 -19.69
N LEU B 203 9.49 -16.40 -20.76
CA LEU B 203 10.76 -16.48 -21.48
C LEU B 203 11.42 -15.10 -21.50
N PRO B 204 12.12 -14.73 -20.41
CA PRO B 204 12.73 -13.40 -20.30
C PRO B 204 13.69 -13.09 -21.45
N GLY B 205 13.51 -11.90 -22.03
CA GLY B 205 14.36 -11.44 -23.14
C GLY B 205 14.11 -12.13 -24.47
N CYS B 206 13.08 -12.98 -24.52
CA CYS B 206 12.73 -13.70 -25.74
C CYS B 206 11.38 -13.24 -26.27
N LYS B 207 11.31 -13.02 -27.58
CA LYS B 207 10.05 -12.64 -28.21
C LYS B 207 9.10 -13.83 -28.34
N VAL B 208 7.94 -13.69 -27.72
CA VAL B 208 6.90 -14.72 -27.78
C VAL B 208 6.03 -14.47 -29.01
N HIS B 209 6.06 -15.41 -29.95
CA HIS B 209 5.34 -15.27 -31.21
C HIS B 209 3.92 -15.74 -31.09
N LEU B 210 3.15 -14.99 -30.31
CA LEU B 210 1.72 -15.25 -30.12
C LEU B 210 0.91 -13.99 -30.35
N PRO B 211 -0.25 -14.11 -31.03
CA PRO B 211 -1.08 -12.92 -31.24
C PRO B 211 -1.76 -12.46 -29.94
N ILE B 212 -2.14 -11.19 -29.88
CA ILE B 212 -2.85 -10.66 -28.73
C ILE B 212 -4.28 -11.24 -28.70
N ILE B 213 -4.89 -11.38 -29.86
CA ILE B 213 -6.18 -12.05 -29.97
C ILE B 213 -6.05 -13.22 -30.94
N GLY B 214 -5.92 -14.43 -30.39
CA GLY B 214 -5.78 -15.63 -31.19
C GLY B 214 -7.12 -16.27 -31.54
N ASP B 215 -7.07 -17.52 -31.98
CA ASP B 215 -8.27 -18.28 -32.34
C ASP B 215 -9.20 -18.45 -31.13
N LYS B 216 -8.63 -18.85 -30.01
CA LYS B 216 -9.39 -19.05 -28.77
C LYS B 216 -9.99 -17.74 -28.27
N ASP B 217 -9.23 -16.65 -28.35
CA ASP B 217 -9.70 -15.35 -27.90
C ASP B 217 -10.86 -14.86 -28.75
N ARG B 218 -10.74 -14.99 -30.07
CA ARG B 218 -11.81 -14.64 -31.00
C ARG B 218 -13.07 -15.44 -30.69
N HIS B 219 -12.88 -16.74 -30.47
CA HIS B 219 -13.96 -17.65 -30.11
C HIS B 219 -14.65 -17.21 -28.85
N ASP B 220 -13.86 -16.86 -27.84
CA ASP B 220 -14.41 -16.39 -26.56
C ASP B 220 -15.13 -15.06 -26.64
N ILE B 221 -14.63 -14.15 -27.46
CA ILE B 221 -15.25 -12.85 -27.65
C ILE B 221 -16.58 -12.96 -28.40
N VAL B 222 -16.56 -13.66 -29.53
CA VAL B 222 -17.74 -13.82 -30.39
C VAL B 222 -18.77 -14.79 -29.78
N ASP B 223 -18.32 -16.00 -29.44
CA ASP B 223 -19.23 -17.06 -29.02
C ASP B 223 -19.48 -17.11 -27.52
N PHE B 224 -19.01 -16.09 -26.80
CA PHE B 224 -19.40 -15.93 -25.41
C PHE B 224 -19.80 -14.49 -25.07
N ALA B 225 -18.86 -13.56 -25.17
CA ALA B 225 -19.13 -12.16 -24.83
C ALA B 225 -20.23 -11.53 -25.68
N LEU B 226 -20.13 -11.67 -27.00
CA LEU B 226 -21.13 -11.11 -27.90
C LEU B 226 -22.40 -11.96 -27.90
N LYS B 227 -22.22 -13.27 -28.02
CA LYS B 227 -23.33 -14.22 -28.07
C LYS B 227 -24.24 -14.12 -26.85
N TYR B 228 -23.64 -14.00 -25.66
CA TYR B 228 -24.43 -13.95 -24.42
C TYR B 228 -24.62 -12.56 -23.88
N ASN B 229 -24.22 -11.56 -24.67
CA ASN B 229 -24.48 -10.16 -24.36
C ASN B 229 -23.81 -9.68 -23.06
N LEU B 230 -22.51 -9.89 -22.96
CA LEU B 230 -21.74 -9.38 -21.82
C LEU B 230 -21.45 -7.89 -21.95
N ASP B 231 -20.91 -7.29 -20.89
CA ASP B 231 -20.78 -5.83 -20.82
C ASP B 231 -19.34 -5.33 -21.00
N PHE B 232 -18.38 -6.19 -20.71
CA PHE B 232 -16.98 -5.78 -20.76
C PHE B 232 -16.10 -6.87 -21.31
N ILE B 233 -15.17 -6.46 -22.15
CA ILE B 233 -14.08 -7.33 -22.57
C ILE B 233 -12.84 -6.76 -21.94
N ALA B 234 -12.28 -7.47 -20.96
CA ALA B 234 -10.97 -7.12 -20.44
C ALA B 234 -9.93 -7.80 -21.33
N LEU B 235 -9.25 -6.98 -22.13
CA LEU B 235 -8.34 -7.48 -23.17
C LEU B 235 -6.92 -7.62 -22.65
N SER B 236 -6.49 -8.86 -22.44
CA SER B 236 -5.17 -9.15 -21.85
C SER B 236 -4.00 -8.79 -22.75
N PHE B 237 -2.96 -8.25 -22.13
CA PHE B 237 -1.68 -7.90 -22.77
C PHE B 237 -1.78 -6.99 -24.01
N VAL B 238 -2.61 -5.95 -23.93
CA VAL B 238 -2.70 -4.97 -25.01
C VAL B 238 -1.36 -4.24 -25.10
N GLN B 239 -0.81 -4.15 -26.31
CA GLN B 239 0.53 -3.55 -26.50
C GLN B 239 0.55 -2.27 -27.33
N ASN B 240 -0.49 -2.05 -28.13
CA ASN B 240 -0.60 -0.85 -28.95
C ASN B 240 -2.05 -0.61 -29.37
N GLY B 241 -2.29 0.52 -30.02
CA GLY B 241 -3.62 0.85 -30.55
C GLY B 241 -4.15 -0.17 -31.52
N ALA B 242 -3.27 -0.74 -32.35
CA ALA B 242 -3.65 -1.74 -33.35
C ALA B 242 -4.34 -2.95 -32.73
N ASP B 243 -3.84 -3.41 -31.58
CA ASP B 243 -4.49 -4.50 -30.83
C ASP B 243 -5.94 -4.15 -30.46
N VAL B 244 -6.14 -2.93 -29.99
CA VAL B 244 -7.47 -2.44 -29.65
C VAL B 244 -8.37 -2.42 -30.89
N GLN B 245 -7.83 -1.88 -31.98
CA GLN B 245 -8.56 -1.77 -33.25
C GLN B 245 -8.93 -3.13 -33.87
N LEU B 246 -8.15 -4.16 -33.58
CA LEU B 246 -8.47 -5.52 -34.00
C LEU B 246 -9.72 -6.02 -33.26
N CYS B 247 -9.79 -5.73 -31.97
CA CYS B 247 -10.96 -6.08 -31.16
C CYS B 247 -12.20 -5.30 -31.60
N ARG B 248 -12.02 -4.01 -31.91
CA ARG B 248 -13.07 -3.19 -32.53
C ARG B 248 -13.60 -3.87 -33.80
N GLN B 249 -12.67 -4.31 -34.64
CA GLN B 249 -12.99 -4.96 -35.91
C GLN B 249 -13.82 -6.23 -35.71
N ILE B 250 -13.37 -7.09 -34.80
CA ILE B 250 -14.11 -8.30 -34.43
C ILE B 250 -15.55 -7.96 -34.03
N ILE B 251 -15.70 -6.95 -33.18
CA ILE B 251 -17.02 -6.52 -32.70
C ILE B 251 -17.91 -6.05 -33.85
N SER B 252 -17.39 -5.21 -34.72
CA SER B 252 -18.16 -4.68 -35.85
C SER B 252 -18.48 -5.75 -36.91
N GLU B 253 -17.64 -6.78 -37.01
CA GLU B 253 -17.81 -7.84 -38.00
C GLU B 253 -18.67 -9.00 -37.48
N ASN B 254 -19.06 -8.92 -36.22
CA ASN B 254 -19.85 -9.97 -35.60
C ASN B 254 -21.10 -9.46 -34.92
N THR B 255 -22.15 -9.23 -35.72
CA THR B 255 -23.43 -8.74 -35.21
C THR B 255 -24.54 -9.79 -35.38
N GLN B 256 -24.15 -11.03 -35.63
CA GLN B 256 -25.10 -12.14 -35.87
C GLN B 256 -25.96 -12.51 -34.66
N TYR B 257 -25.56 -12.07 -33.47
CA TYR B 257 -26.30 -12.36 -32.24
C TYR B 257 -27.07 -11.15 -31.71
N SER B 258 -27.10 -10.08 -32.47
CA SER B 258 -27.81 -8.85 -32.08
C SER B 258 -28.51 -8.14 -33.24
N ASN B 259 -29.05 -8.94 -34.17
CA ASN B 259 -29.85 -8.45 -35.30
C ASN B 259 -29.19 -7.37 -36.16
N GLY B 260 -27.90 -7.51 -36.42
CA GLY B 260 -27.17 -6.57 -37.27
C GLY B 260 -26.81 -5.26 -36.60
N ILE B 261 -27.09 -5.15 -35.31
CA ILE B 261 -26.74 -3.95 -34.55
C ILE B 261 -25.47 -4.23 -33.73
N PRO B 262 -24.39 -3.48 -34.00
CA PRO B 262 -23.12 -3.67 -33.30
C PRO B 262 -23.26 -3.50 -31.79
N SER B 263 -22.70 -4.43 -31.03
CA SER B 263 -22.75 -4.37 -29.57
C SER B 263 -22.03 -3.13 -29.02
N SER B 264 -22.48 -2.65 -27.87
CA SER B 264 -21.82 -1.52 -27.22
C SER B 264 -20.92 -2.00 -26.09
N ILE B 265 -20.58 -3.30 -26.10
CA ILE B 265 -19.66 -3.90 -25.15
C ILE B 265 -18.36 -3.09 -25.04
N LYS B 266 -17.95 -2.80 -23.80
CA LYS B 266 -16.79 -1.91 -23.58
C LYS B 266 -15.46 -2.64 -23.67
N ILE B 267 -14.52 -2.05 -24.40
CA ILE B 267 -13.18 -2.57 -24.49
C ILE B 267 -12.34 -1.96 -23.38
N ILE B 268 -11.88 -2.81 -22.47
CA ILE B 268 -11.03 -2.38 -21.38
C ILE B 268 -9.68 -3.05 -21.56
N SER B 269 -8.71 -2.26 -22.00
CA SER B 269 -7.37 -2.76 -22.30
C SER B 269 -6.55 -2.94 -21.04
N LYS B 270 -5.98 -4.13 -20.88
CA LYS B 270 -5.11 -4.40 -19.75
C LYS B 270 -3.66 -4.09 -20.08
N ILE B 271 -3.08 -3.18 -19.30
CA ILE B 271 -1.67 -2.83 -19.39
C ILE B 271 -0.92 -3.77 -18.44
N GLU B 272 -0.13 -4.67 -19.02
CA GLU B 272 0.48 -5.78 -18.30
C GLU B 272 1.96 -5.95 -18.58
N ASN B 273 2.51 -5.14 -19.49
CA ASN B 273 3.93 -5.21 -19.83
C ASN B 273 4.49 -3.86 -20.27
N LEU B 274 5.79 -3.81 -20.50
CA LEU B 274 6.50 -2.57 -20.83
C LEU B 274 5.99 -1.92 -22.12
N GLU B 275 5.71 -2.74 -23.12
CA GLU B 275 5.16 -2.26 -24.39
C GLU B 275 3.87 -1.49 -24.18
N GLY B 276 2.96 -2.08 -23.39
CA GLY B 276 1.71 -1.43 -23.02
C GLY B 276 1.92 -0.09 -22.36
N VAL B 277 2.96 0.01 -21.52
CA VAL B 277 3.28 1.26 -20.86
C VAL B 277 3.83 2.28 -21.86
N ILE B 278 4.76 1.83 -22.72
CA ILE B 278 5.33 2.69 -23.77
C ILE B 278 4.25 3.30 -24.66
N ASN B 279 3.29 2.48 -25.08
CA ASN B 279 2.24 2.91 -25.99
C ASN B 279 0.94 3.33 -25.31
N PHE B 280 0.99 3.58 -24.01
CA PHE B 280 -0.20 3.82 -23.19
C PHE B 280 -1.18 4.84 -23.77
N ASP B 281 -0.66 5.99 -24.20
CA ASP B 281 -1.49 7.08 -24.70
C ASP B 281 -2.38 6.62 -25.85
N SER B 282 -1.78 5.91 -26.80
CA SER B 282 -2.48 5.38 -27.96
C SER B 282 -3.57 4.39 -27.51
N ILE B 283 -3.18 3.46 -26.64
CA ILE B 283 -4.09 2.45 -26.11
C ILE B 283 -5.27 3.10 -25.38
N CYS B 284 -4.94 4.05 -24.50
CA CYS B 284 -5.94 4.75 -23.68
C CYS B 284 -6.95 5.51 -24.53
N SER B 285 -6.46 6.16 -25.58
CA SER B 285 -7.29 6.91 -26.52
C SER B 285 -8.19 5.98 -27.36
N GLU B 286 -7.68 4.80 -27.70
CA GLU B 286 -8.46 3.83 -28.51
C GLU B 286 -9.48 3.05 -27.67
N SER B 287 -9.20 2.89 -26.37
CA SER B 287 -10.00 2.00 -25.51
C SER B 287 -11.19 2.70 -24.87
N ASP B 288 -12.12 1.89 -24.36
CA ASP B 288 -13.24 2.40 -23.57
C ASP B 288 -12.86 2.55 -22.11
N GLY B 289 -11.78 1.88 -21.73
CA GLY B 289 -11.25 1.93 -20.36
C GLY B 289 -9.91 1.24 -20.26
N ILE B 290 -9.28 1.34 -19.09
CA ILE B 290 -7.95 0.78 -18.85
C ILE B 290 -7.96 -0.05 -17.57
N MET B 291 -7.29 -1.19 -17.59
CA MET B 291 -7.05 -1.95 -16.38
C MET B 291 -5.54 -2.05 -16.13
N VAL B 292 -5.13 -1.67 -14.92
CA VAL B 292 -3.75 -1.86 -14.50
C VAL B 292 -3.63 -3.21 -13.79
N ALA B 293 -2.97 -4.15 -14.46
CA ALA B 293 -2.83 -5.51 -13.94
C ALA B 293 -1.37 -5.87 -13.68
N ARG B 294 -1.18 -7.01 -13.00
CA ARG B 294 0.15 -7.48 -12.60
C ARG B 294 0.96 -7.90 -13.84
N GLY B 295 0.42 -8.82 -14.62
CA GLY B 295 1.06 -9.30 -15.85
C GLY B 295 2.53 -9.61 -15.74
N ASP B 296 3.29 -9.23 -16.76
CA ASP B 296 4.73 -9.45 -16.83
C ASP B 296 5.54 -8.24 -16.37
N LEU B 297 4.87 -7.09 -16.23
CA LEU B 297 5.53 -5.81 -15.97
C LEU B 297 6.65 -5.87 -14.94
N GLY B 298 6.39 -6.56 -13.83
CA GLY B 298 7.37 -6.71 -12.74
C GLY B 298 8.65 -7.45 -13.11
N MET B 299 8.66 -8.06 -14.30
CA MET B 299 9.83 -8.77 -14.81
C MET B 299 10.60 -7.96 -15.85
N GLU B 300 9.98 -6.91 -16.37
CA GLU B 300 10.56 -6.12 -17.45
C GLU B 300 11.13 -4.78 -16.97
N ILE B 301 10.59 -4.28 -15.86
CA ILE B 301 11.07 -3.02 -15.27
C ILE B 301 11.39 -3.24 -13.78
N PRO B 302 12.24 -2.37 -13.20
CA PRO B 302 12.47 -2.46 -11.75
C PRO B 302 11.16 -2.38 -10.97
N PRO B 303 10.97 -3.28 -10.00
CA PRO B 303 9.73 -3.38 -9.21
C PRO B 303 9.36 -2.07 -8.52
N GLU B 304 10.38 -1.30 -8.11
CA GLU B 304 10.17 0.00 -7.48
C GLU B 304 9.49 1.02 -8.39
N LYS B 305 9.51 0.77 -9.70
CA LYS B 305 8.93 1.70 -10.66
C LYS B 305 7.46 1.44 -10.98
N ILE B 306 6.94 0.30 -10.55
CA ILE B 306 5.56 -0.09 -10.86
C ILE B 306 4.51 0.90 -10.35
N PHE B 307 4.60 1.28 -9.07
CA PHE B 307 3.63 2.23 -8.50
C PHE B 307 3.66 3.60 -9.20
N VAL B 308 4.84 3.99 -9.72
CA VAL B 308 4.97 5.24 -10.47
C VAL B 308 4.16 5.14 -11.77
N ALA B 309 4.34 4.04 -12.49
CA ALA B 309 3.58 3.78 -13.70
C ALA B 309 2.09 3.79 -13.42
N GLN B 310 1.66 3.11 -12.35
CA GLN B 310 0.25 3.04 -12.01
C GLN B 310 -0.36 4.42 -11.73
N LYS B 311 0.34 5.22 -10.93
CA LYS B 311 -0.14 6.57 -10.59
C LYS B 311 -0.31 7.43 -11.84
N CYS B 312 0.64 7.34 -12.76
CA CYS B 312 0.57 8.09 -13.99
C CYS B 312 -0.59 7.65 -14.87
N MET B 313 -0.74 6.34 -15.03
CA MET B 313 -1.82 5.79 -15.85
C MET B 313 -3.20 6.19 -15.32
N ILE B 314 -3.36 6.20 -13.99
CA ILE B 314 -4.63 6.61 -13.37
C ILE B 314 -4.92 8.09 -13.63
N SER B 315 -3.91 8.94 -13.45
CA SER B 315 -4.05 10.37 -13.71
C SER B 315 -4.46 10.68 -15.15
N LYS B 316 -3.80 10.04 -16.11
CA LYS B 316 -4.11 10.21 -17.53
C LYS B 316 -5.54 9.79 -17.87
N CYS B 317 -5.99 8.68 -17.28
CA CYS B 317 -7.37 8.22 -17.44
C CYS B 317 -8.39 9.21 -16.86
N ASN B 318 -8.08 9.77 -15.69
CA ASN B 318 -8.92 10.79 -15.07
C ASN B 318 -9.08 12.00 -15.99
N VAL B 319 -7.95 12.49 -16.50
CA VAL B 319 -7.92 13.63 -17.41
C VAL B 319 -8.71 13.37 -18.70
N ALA B 320 -8.56 12.16 -19.24
CA ALA B 320 -9.25 11.77 -20.48
C ALA B 320 -10.72 11.42 -20.26
N GLY B 321 -11.09 11.08 -19.01
CA GLY B 321 -12.47 10.72 -18.69
C GLY B 321 -12.78 9.26 -19.00
N LYS B 322 -11.75 8.44 -19.08
CA LYS B 322 -11.89 7.00 -19.31
C LYS B 322 -11.83 6.30 -17.97
N PRO B 323 -12.72 5.32 -17.72
CA PRO B 323 -12.69 4.55 -16.47
C PRO B 323 -11.37 3.78 -16.35
N VAL B 324 -10.84 3.72 -15.13
CA VAL B 324 -9.63 2.96 -14.87
C VAL B 324 -9.86 1.97 -13.71
N VAL B 325 -9.41 0.73 -13.92
CA VAL B 325 -9.49 -0.32 -12.91
C VAL B 325 -8.10 -0.61 -12.33
N THR B 326 -7.98 -0.52 -11.01
CA THR B 326 -6.77 -0.97 -10.31
C THR B 326 -6.99 -2.40 -9.85
N ALA B 327 -6.05 -3.29 -10.18
CA ALA B 327 -6.22 -4.71 -9.96
C ALA B 327 -4.90 -5.44 -9.92
N THR B 328 -4.25 -5.44 -8.76
CA THR B 328 -2.95 -6.08 -8.61
C THR B 328 -3.02 -7.22 -7.57
N GLN B 329 -4.23 -7.74 -7.37
CA GLN B 329 -4.54 -8.69 -6.31
C GLN B 329 -4.17 -8.08 -4.95
N MET B 330 -4.92 -7.04 -4.59
CA MET B 330 -4.61 -6.19 -3.45
C MET B 330 -4.69 -6.91 -2.08
N LEU B 331 -5.57 -7.90 -1.97
CA LEU B 331 -5.80 -8.56 -0.68
C LEU B 331 -5.35 -10.03 -0.66
N GLU B 332 -4.08 -10.26 -1.02
CA GLU B 332 -3.48 -11.60 -1.09
C GLU B 332 -3.70 -12.44 0.17
N SER B 333 -3.55 -11.81 1.33
CA SER B 333 -3.64 -12.48 2.63
C SER B 333 -5.03 -13.06 2.92
N MET B 334 -6.05 -12.56 2.23
CA MET B 334 -7.43 -12.96 2.49
C MET B 334 -7.89 -14.19 1.69
N ILE B 335 -6.92 -14.95 1.17
CA ILE B 335 -7.18 -16.25 0.56
C ILE B 335 -7.09 -17.32 1.65
N LYS B 336 -6.31 -17.02 2.70
CA LYS B 336 -6.07 -17.94 3.80
C LYS B 336 -6.23 -17.29 5.18
N SER B 337 -6.81 -16.10 5.22
CA SER B 337 -7.02 -15.36 6.47
C SER B 337 -8.33 -14.58 6.47
N ASN B 338 -8.91 -14.42 7.66
CA ASN B 338 -10.18 -13.71 7.85
C ASN B 338 -10.14 -12.24 7.44
N ARG B 339 -8.98 -11.61 7.59
CA ARG B 339 -8.82 -10.18 7.31
C ARG B 339 -7.42 -9.85 6.76
N PRO B 340 -7.27 -8.72 6.04
CA PRO B 340 -5.97 -8.42 5.45
C PRO B 340 -5.06 -7.66 6.39
N THR B 341 -3.81 -7.48 6.00
CA THR B 341 -2.88 -6.64 6.76
C THR B 341 -2.89 -5.21 6.23
N ARG B 342 -2.31 -4.31 7.01
CA ARG B 342 -2.29 -2.88 6.72
C ARG B 342 -1.96 -2.53 5.27
N ALA B 343 -0.81 -3.01 4.81
CA ALA B 343 -0.31 -2.72 3.45
C ALA B 343 -1.36 -2.94 2.36
N GLU B 344 -2.16 -4.00 2.52
CA GLU B 344 -3.16 -4.36 1.53
C GLU B 344 -4.34 -3.38 1.52
N MET B 345 -4.71 -2.90 2.69
CA MET B 345 -5.79 -1.94 2.84
C MET B 345 -5.36 -0.56 2.37
N THR B 346 -4.14 -0.15 2.75
CA THR B 346 -3.61 1.15 2.33
C THR B 346 -3.48 1.21 0.81
N ASP B 347 -3.14 0.08 0.20
CA ASP B 347 -3.04 -0.05 -1.26
C ASP B 347 -4.35 0.30 -1.95
N VAL B 348 -5.44 -0.26 -1.45
CA VAL B 348 -6.78 0.03 -1.96
C VAL B 348 -7.15 1.49 -1.69
N ALA B 349 -6.91 1.95 -0.47
CA ALA B 349 -7.19 3.31 -0.06
C ALA B 349 -6.49 4.33 -0.96
N ASN B 350 -5.21 4.09 -1.21
CA ASN B 350 -4.43 5.00 -2.04
C ASN B 350 -4.78 4.92 -3.53
N ALA B 351 -5.26 3.75 -3.97
CA ALA B 351 -5.76 3.61 -5.33
C ALA B 351 -6.97 4.52 -5.54
N VAL B 352 -7.88 4.53 -4.58
CA VAL B 352 -9.05 5.40 -4.59
C VAL B 352 -8.62 6.88 -4.60
N LEU B 353 -7.66 7.22 -3.73
CA LEU B 353 -7.16 8.59 -3.65
C LEU B 353 -6.34 8.99 -4.89
N ASP B 354 -5.73 8.03 -5.56
CA ASP B 354 -5.02 8.28 -6.82
C ASP B 354 -6.00 8.64 -7.96
N GLY B 355 -7.25 8.23 -7.81
CA GLY B 355 -8.29 8.54 -8.79
C GLY B 355 -8.94 7.33 -9.46
N SER B 356 -8.71 6.14 -8.90
CA SER B 356 -9.19 4.90 -9.51
C SER B 356 -10.72 4.78 -9.49
N ASP B 357 -11.30 4.40 -10.63
CA ASP B 357 -12.74 4.25 -10.77
C ASP B 357 -13.26 2.95 -10.15
N CYS B 358 -12.49 1.87 -10.32
CA CYS B 358 -12.83 0.58 -9.74
C CYS B 358 -11.61 -0.13 -9.20
N VAL B 359 -11.85 -0.93 -8.17
CA VAL B 359 -10.84 -1.84 -7.65
C VAL B 359 -11.31 -3.26 -7.95
N MET B 360 -10.37 -4.13 -8.26
CA MET B 360 -10.67 -5.52 -8.59
C MET B 360 -10.05 -6.50 -7.60
N LEU B 361 -10.86 -7.46 -7.13
CA LEU B 361 -10.38 -8.59 -6.35
C LEU B 361 -10.15 -9.81 -7.25
N SER B 362 -9.04 -10.52 -7.01
CA SER B 362 -8.66 -11.66 -7.85
C SER B 362 -8.91 -13.02 -7.18
N GLY B 363 -7.86 -13.57 -6.56
CA GLY B 363 -7.93 -14.89 -5.92
C GLY B 363 -8.61 -14.88 -4.56
N GLU B 364 -8.94 -13.69 -4.08
CA GLU B 364 -9.60 -13.51 -2.79
C GLU B 364 -11.05 -14.00 -2.82
N THR B 365 -11.71 -13.80 -3.98
CA THR B 365 -13.08 -14.24 -4.20
C THR B 365 -13.16 -15.51 -5.03
N ALA B 366 -12.32 -15.62 -6.06
CA ALA B 366 -12.33 -16.75 -6.99
C ALA B 366 -12.15 -18.10 -6.30
N ASN B 367 -11.03 -18.29 -5.62
CA ASN B 367 -10.76 -19.54 -4.92
C ASN B 367 -10.16 -19.37 -3.52
N GLY B 368 -10.48 -18.23 -2.90
CA GLY B 368 -10.06 -17.95 -1.54
C GLY B 368 -10.94 -18.62 -0.50
N ALA B 369 -10.47 -18.66 0.73
CA ALA B 369 -11.21 -19.27 1.84
C ALA B 369 -12.19 -18.29 2.50
N PHE B 370 -11.96 -17.00 2.29
CA PHE B 370 -12.82 -15.95 2.84
C PHE B 370 -13.17 -14.88 1.81
N PRO B 371 -14.04 -15.22 0.83
CA PRO B 371 -14.43 -14.28 -0.21
C PRO B 371 -15.31 -13.13 0.31
N PHE B 372 -16.30 -13.45 1.13
CA PHE B 372 -17.29 -12.48 1.60
C PHE B 372 -16.70 -11.44 2.56
N ASP B 373 -15.73 -11.87 3.36
CA ASP B 373 -15.02 -10.96 4.25
C ASP B 373 -14.16 -9.96 3.48
N ALA B 374 -13.48 -10.45 2.45
CA ALA B 374 -12.63 -9.63 1.58
C ALA B 374 -13.39 -8.45 0.97
N VAL B 375 -14.46 -8.76 0.22
CA VAL B 375 -15.26 -7.74 -0.45
C VAL B 375 -15.75 -6.68 0.53
N ASN B 376 -16.25 -7.13 1.67
CA ASN B 376 -16.78 -6.26 2.71
C ASN B 376 -15.72 -5.30 3.26
N VAL B 377 -14.53 -5.82 3.50
CA VAL B 377 -13.39 -5.01 3.91
C VAL B 377 -13.04 -3.96 2.85
N MET B 378 -12.83 -4.42 1.61
CA MET B 378 -12.46 -3.54 0.51
C MET B 378 -13.48 -2.42 0.31
N SER B 379 -14.75 -2.76 0.50
CA SER B 379 -15.84 -1.78 0.40
C SER B 379 -15.73 -0.67 1.47
N ARG B 380 -15.47 -1.07 2.71
CA ARG B 380 -15.37 -0.11 3.80
C ARG B 380 -14.15 0.78 3.66
N VAL B 381 -13.03 0.20 3.24
CA VAL B 381 -11.81 0.97 2.95
C VAL B 381 -12.07 2.04 1.89
N CYS B 382 -12.70 1.64 0.78
CA CYS B 382 -13.07 2.57 -0.29
C CYS B 382 -13.88 3.76 0.23
N ALA B 383 -14.93 3.46 1.00
CA ALA B 383 -15.80 4.48 1.55
C ALA B 383 -15.03 5.42 2.47
N GLN B 384 -14.18 4.84 3.31
CA GLN B 384 -13.33 5.59 4.22
C GLN B 384 -12.33 6.50 3.49
N ALA B 385 -11.67 5.96 2.46
CA ALA B 385 -10.75 6.76 1.65
C ALA B 385 -11.47 7.91 0.95
N GLU B 386 -12.71 7.66 0.53
CA GLU B 386 -13.53 8.69 -0.11
C GLU B 386 -13.89 9.85 0.83
N THR B 387 -13.87 9.62 2.14
CA THR B 387 -14.12 10.69 3.12
C THR B 387 -12.87 11.58 3.31
N CYS B 388 -11.74 11.16 2.75
CA CYS B 388 -10.50 11.93 2.77
C CYS B 388 -10.39 12.92 1.61
N ILE B 389 -11.39 12.94 0.74
CA ILE B 389 -11.32 13.75 -0.48
C ILE B 389 -11.82 15.17 -0.26
N ASP B 390 -11.05 16.14 -0.71
CA ASP B 390 -11.48 17.53 -0.79
C ASP B 390 -12.17 17.71 -2.14
N TYR B 391 -13.50 17.65 -2.13
CA TYR B 391 -14.29 17.61 -3.36
C TYR B 391 -14.23 18.86 -4.24
N PRO B 392 -14.35 20.07 -3.64
CA PRO B 392 -14.15 21.28 -4.43
C PRO B 392 -12.74 21.37 -5.04
N VAL B 393 -11.72 21.02 -4.26
CA VAL B 393 -10.33 21.05 -4.75
C VAL B 393 -10.15 20.07 -5.91
N LEU B 394 -10.67 18.86 -5.74
CA LEU B 394 -10.62 17.84 -6.80
C LEU B 394 -11.31 18.34 -8.07
N TYR B 395 -12.49 18.95 -7.92
CA TYR B 395 -13.23 19.46 -9.06
C TYR B 395 -12.44 20.49 -9.86
N HIS B 396 -11.79 21.42 -9.17
CA HIS B 396 -11.02 22.46 -9.85
C HIS B 396 -9.77 21.92 -10.49
N ALA B 397 -9.18 20.90 -9.88
CA ALA B 397 -8.00 20.27 -10.46
C ALA B 397 -8.33 19.61 -11.80
N ILE B 398 -9.44 18.86 -11.85
CA ILE B 398 -9.87 18.20 -13.09
C ILE B 398 -10.34 19.23 -14.12
N HIS B 399 -11.12 20.20 -13.69
CA HIS B 399 -11.63 21.27 -14.56
C HIS B 399 -10.53 22.06 -15.22
N SER B 400 -9.45 22.30 -14.47
CA SER B 400 -8.29 23.04 -14.98
C SER B 400 -7.47 22.23 -15.99
N SER B 401 -7.46 20.91 -15.80
CA SER B 401 -6.67 20.01 -16.65
C SER B 401 -7.32 19.75 -18.00
N VAL B 402 -8.60 20.09 -18.13
CA VAL B 402 -9.32 19.85 -19.37
C VAL B 402 -9.18 21.05 -20.32
N PRO B 403 -8.58 20.82 -21.50
CA PRO B 403 -8.42 21.89 -22.49
C PRO B 403 -9.76 22.40 -23.01
N LYS B 404 -9.88 23.72 -23.11
CA LYS B 404 -11.13 24.36 -23.54
C LYS B 404 -10.95 24.92 -24.96
N PRO B 405 -12.05 24.96 -25.75
CA PRO B 405 -13.42 24.60 -25.40
C PRO B 405 -13.69 23.09 -25.43
N VAL B 406 -14.69 22.66 -24.67
CA VAL B 406 -15.17 21.29 -24.67
C VAL B 406 -16.44 21.23 -25.52
N ALA B 407 -16.95 20.02 -25.75
CA ALA B 407 -18.21 19.84 -26.45
C ALA B 407 -19.39 20.14 -25.52
N VAL B 408 -20.58 20.35 -26.09
CA VAL B 408 -21.78 20.70 -25.32
C VAL B 408 -22.05 19.81 -24.09
N PRO B 409 -22.15 18.48 -24.28
CA PRO B 409 -22.46 17.63 -23.11
C PRO B 409 -21.44 17.69 -21.97
N GLU B 410 -20.16 17.89 -22.30
CA GLU B 410 -19.14 18.01 -21.26
C GLU B 410 -19.30 19.30 -20.45
N ALA B 411 -19.64 20.39 -21.14
CA ALA B 411 -19.98 21.65 -20.47
C ALA B 411 -21.19 21.49 -19.55
N ILE B 412 -22.22 20.78 -20.02
CA ILE B 412 -23.41 20.49 -19.23
C ILE B 412 -23.05 19.71 -17.96
N ALA B 413 -22.15 18.74 -18.10
CA ALA B 413 -21.73 17.92 -16.98
C ALA B 413 -21.01 18.75 -15.92
N CYS B 414 -20.05 19.55 -16.36
CA CYS B 414 -19.36 20.52 -15.49
C CYS B 414 -20.30 21.42 -14.72
N SER B 415 -21.23 22.04 -15.43
CA SER B 415 -22.20 22.95 -14.84
C SER B 415 -23.07 22.26 -13.81
N ALA B 416 -23.41 21.00 -14.08
CA ALA B 416 -24.23 20.21 -13.16
C ALA B 416 -23.50 20.00 -11.83
N VAL B 417 -22.22 19.62 -11.91
CA VAL B 417 -21.40 19.44 -10.71
C VAL B 417 -21.26 20.74 -9.91
N GLU B 418 -21.05 21.86 -10.61
CA GLU B 418 -20.93 23.17 -9.95
C GLU B 418 -22.24 23.61 -9.29
N SER B 419 -23.36 23.37 -9.98
CA SER B 419 -24.68 23.73 -9.47
C SER B 419 -25.07 22.88 -8.29
N ALA B 420 -24.72 21.59 -8.35
CA ALA B 420 -24.94 20.68 -7.23
C ALA B 420 -24.27 21.22 -5.97
N HIS B 421 -23.04 21.70 -6.14
CA HIS B 421 -22.27 22.31 -5.05
C HIS B 421 -22.91 23.58 -4.56
N ASP B 422 -23.23 24.49 -5.48
CA ASP B 422 -23.70 25.82 -5.14
C ASP B 422 -25.06 25.89 -4.42
N VAL B 423 -25.96 24.96 -4.71
CA VAL B 423 -27.23 24.87 -3.97
C VAL B 423 -27.19 23.78 -2.89
N ASN B 424 -26.07 23.06 -2.80
CA ASN B 424 -25.91 21.94 -1.86
C ASN B 424 -26.92 20.82 -2.12
N ALA B 425 -27.04 20.41 -3.38
CA ALA B 425 -27.93 19.32 -3.78
C ALA B 425 -27.43 17.98 -3.25
N LYS B 426 -28.35 17.02 -3.16
CA LYS B 426 -28.00 15.66 -2.73
C LYS B 426 -27.75 14.71 -3.90
N LEU B 427 -28.35 14.99 -5.05
CA LEU B 427 -28.26 14.10 -6.20
C LEU B 427 -28.05 14.83 -7.52
N ILE B 428 -27.36 14.16 -8.42
CA ILE B 428 -27.31 14.57 -9.81
C ILE B 428 -27.96 13.45 -10.60
N ILE B 429 -29.07 13.79 -11.26
CA ILE B 429 -29.83 12.83 -12.03
C ILE B 429 -29.63 13.14 -13.51
N THR B 430 -29.24 12.14 -14.27
CA THR B 430 -29.05 12.30 -15.70
C THR B 430 -29.91 11.32 -16.50
N ILE B 431 -30.69 11.85 -17.43
CA ILE B 431 -31.46 11.01 -18.34
C ILE B 431 -30.58 10.78 -19.56
N THR B 432 -30.28 9.52 -19.84
CA THR B 432 -29.32 9.17 -20.88
C THR B 432 -29.72 7.92 -21.67
N GLU B 433 -29.41 7.93 -22.96
CA GLU B 433 -29.69 6.78 -23.82
C GLU B 433 -28.43 5.94 -24.07
N THR B 434 -27.26 6.49 -23.75
CA THR B 434 -25.98 5.83 -24.02
C THR B 434 -25.11 5.68 -22.77
N GLY B 435 -25.31 6.55 -21.79
CA GLY B 435 -24.49 6.57 -20.59
C GLY B 435 -23.37 7.60 -20.64
N ASN B 436 -23.22 8.26 -21.79
CA ASN B 436 -22.12 9.21 -22.01
C ASN B 436 -22.12 10.40 -21.06
N THR B 437 -23.30 10.96 -20.79
CA THR B 437 -23.43 12.08 -19.87
C THR B 437 -23.09 11.68 -18.42
N ALA B 438 -23.56 10.49 -18.02
CA ALA B 438 -23.23 9.94 -16.70
C ALA B 438 -21.72 9.74 -16.54
N ARG B 439 -21.05 9.28 -17.60
CA ARG B 439 -19.58 9.18 -17.60
C ARG B 439 -18.89 10.54 -17.49
N LEU B 440 -19.41 11.53 -18.24
CA LEU B 440 -18.88 12.90 -18.18
C LEU B 440 -19.05 13.54 -16.80
N ILE B 441 -20.22 13.41 -16.19
CA ILE B 441 -20.43 13.87 -14.82
C ILE B 441 -19.46 13.15 -13.85
N SER B 442 -19.34 11.83 -14.00
CA SER B 442 -18.44 11.04 -13.18
C SER B 442 -17.00 11.56 -13.23
N LYS B 443 -16.58 11.95 -14.43
CA LYS B 443 -15.26 12.50 -14.66
C LYS B 443 -14.95 13.69 -13.75
N TYR B 444 -15.96 14.50 -13.46
CA TYR B 444 -15.74 15.71 -12.67
C TYR B 444 -15.89 15.52 -11.16
N ARG B 445 -16.13 14.27 -10.78
CA ARG B 445 -16.04 13.80 -9.39
C ARG B 445 -16.90 14.59 -8.41
N PRO B 446 -18.22 14.64 -8.63
CA PRO B 446 -19.07 15.37 -7.71
C PRO B 446 -19.15 14.63 -6.37
N SER B 447 -19.46 15.33 -5.30
CA SER B 447 -19.70 14.68 -4.02
C SER B 447 -21.05 13.98 -4.02
N GLN B 448 -21.99 14.50 -4.81
CA GLN B 448 -23.32 13.93 -4.94
C GLN B 448 -23.27 12.61 -5.69
N THR B 449 -24.13 11.67 -5.27
CA THR B 449 -24.39 10.45 -6.03
C THR B 449 -24.99 10.81 -7.38
N ILE B 450 -24.53 10.14 -8.42
CA ILE B 450 -25.05 10.33 -9.77
C ILE B 450 -26.06 9.23 -10.08
N ILE B 451 -27.27 9.64 -10.43
CA ILE B 451 -28.35 8.71 -10.79
C ILE B 451 -28.57 8.78 -12.31
N ALA B 452 -28.25 7.68 -13.00
CA ALA B 452 -28.48 7.62 -14.44
C ALA B 452 -29.81 6.92 -14.72
N CYS B 453 -30.67 7.58 -15.50
CA CYS B 453 -31.96 7.01 -15.90
C CYS B 453 -31.93 6.64 -17.35
N THR B 454 -32.12 5.37 -17.64
CA THR B 454 -32.06 4.85 -19.00
C THR B 454 -33.19 3.85 -19.24
N ALA B 455 -33.48 3.59 -20.51
CA ALA B 455 -34.45 2.56 -20.89
C ALA B 455 -33.74 1.27 -21.31
N LYS B 456 -32.42 1.32 -21.44
CA LYS B 456 -31.64 0.20 -21.95
C LYS B 456 -30.77 -0.40 -20.84
N PRO B 457 -31.14 -1.61 -20.37
CA PRO B 457 -30.42 -2.32 -19.30
C PRO B 457 -28.91 -2.49 -19.56
N GLU B 458 -28.51 -2.61 -20.82
CA GLU B 458 -27.09 -2.68 -21.18
C GLU B 458 -26.34 -1.39 -20.77
N VAL B 459 -27.02 -0.25 -20.90
CA VAL B 459 -26.45 1.04 -20.52
C VAL B 459 -26.18 1.08 -19.02
N ALA B 460 -27.13 0.59 -18.23
CA ALA B 460 -26.97 0.49 -16.78
C ALA B 460 -25.78 -0.40 -16.40
N ARG B 461 -25.65 -1.53 -17.08
CA ARG B 461 -24.59 -2.48 -16.79
C ARG B 461 -23.22 -1.92 -17.19
N GLY B 462 -23.18 -1.23 -18.33
CA GLY B 462 -21.96 -0.56 -18.79
C GLY B 462 -21.43 0.46 -17.80
N LEU B 463 -22.34 1.10 -17.07
CA LEU B 463 -21.97 2.18 -16.14
C LEU B 463 -21.46 1.67 -14.78
N LYS B 464 -21.44 0.35 -14.62
CA LYS B 464 -20.98 -0.26 -13.37
C LYS B 464 -19.46 -0.18 -13.19
N ILE B 465 -18.78 0.52 -14.11
CA ILE B 465 -17.36 0.84 -13.91
C ILE B 465 -17.09 2.34 -13.78
N ALA B 466 -18.14 3.15 -13.85
CA ALA B 466 -18.01 4.59 -13.60
C ALA B 466 -18.21 4.87 -12.11
N ARG B 467 -17.25 5.57 -11.51
CA ARG B 467 -17.30 5.88 -10.09
C ARG B 467 -18.48 6.79 -9.71
N GLY B 468 -19.19 6.42 -8.65
CA GLY B 468 -20.25 7.23 -8.08
C GLY B 468 -21.55 7.28 -8.87
N VAL B 469 -21.72 6.34 -9.80
CA VAL B 469 -22.92 6.26 -10.63
C VAL B 469 -23.79 5.09 -10.20
N LYS B 470 -25.06 5.38 -9.95
CA LYS B 470 -26.08 4.37 -9.72
C LYS B 470 -27.09 4.50 -10.86
N THR B 471 -27.70 3.39 -11.24
CA THR B 471 -28.53 3.37 -12.45
C THR B 471 -29.99 2.91 -12.24
N TYR B 472 -30.92 3.70 -12.76
CA TYR B 472 -32.34 3.38 -12.74
C TYR B 472 -32.81 2.99 -14.14
N VAL B 473 -33.22 1.73 -14.31
CA VAL B 473 -33.72 1.25 -15.59
C VAL B 473 -35.23 1.44 -15.63
N LEU B 474 -35.70 2.08 -16.70
CA LEU B 474 -37.11 2.40 -16.85
C LEU B 474 -37.66 1.85 -18.17
N ASN B 475 -38.98 1.67 -18.22
CA ASN B 475 -39.66 1.23 -19.43
C ASN B 475 -39.52 2.25 -20.56
N SER B 476 -39.68 3.52 -20.22
CA SER B 476 -39.57 4.62 -21.18
C SER B 476 -38.79 5.79 -20.59
N ILE B 477 -38.18 6.56 -21.49
CA ILE B 477 -37.34 7.68 -21.08
C ILE B 477 -37.81 8.99 -21.74
N HIS B 478 -38.94 8.89 -22.45
CA HIS B 478 -39.47 9.98 -23.28
C HIS B 478 -39.93 11.21 -22.54
N HIS B 479 -40.68 11.03 -21.45
CA HIS B 479 -41.23 12.17 -20.72
C HIS B 479 -40.37 12.60 -19.57
N SER B 480 -39.50 13.57 -19.82
CA SER B 480 -38.51 14.06 -18.85
C SER B 480 -39.05 14.32 -17.45
N GLU B 481 -40.17 15.04 -17.39
CA GLU B 481 -40.81 15.39 -16.11
C GLU B 481 -41.16 14.13 -15.31
N VAL B 482 -41.73 13.15 -16.01
CA VAL B 482 -42.14 11.88 -15.42
C VAL B 482 -40.91 11.09 -14.97
N VAL B 483 -39.93 10.96 -15.86
CA VAL B 483 -38.68 10.27 -15.56
C VAL B 483 -38.06 10.80 -14.25
N ILE B 484 -37.95 12.13 -14.14
CA ILE B 484 -37.38 12.79 -12.97
C ILE B 484 -38.22 12.57 -11.71
N SER B 485 -39.55 12.62 -11.85
CA SER B 485 -40.47 12.38 -10.75
C SER B 485 -40.32 10.98 -10.16
N ASN B 486 -40.28 9.98 -11.04
CA ASN B 486 -40.12 8.59 -10.63
C ASN B 486 -38.73 8.29 -10.09
N ALA B 487 -37.72 8.95 -10.66
CA ALA B 487 -36.35 8.82 -10.19
C ALA B 487 -36.21 9.35 -8.77
N LEU B 488 -36.82 10.51 -8.52
CA LEU B 488 -36.83 11.14 -7.20
C LEU B 488 -37.59 10.32 -6.17
N ALA B 489 -38.73 9.74 -6.60
CA ALA B 489 -39.54 8.90 -5.72
C ALA B 489 -38.81 7.60 -5.36
N LEU B 490 -38.15 6.99 -6.34
CA LEU B 490 -37.37 5.78 -6.11
C LEU B 490 -36.13 6.08 -5.26
N ALA B 491 -35.54 7.25 -5.45
CA ALA B 491 -34.38 7.68 -4.66
C ALA B 491 -34.80 7.98 -3.22
N LYS B 492 -35.97 8.58 -3.06
CA LYS B 492 -36.56 8.81 -1.74
C LYS B 492 -36.74 7.46 -1.04
N GLU B 493 -37.35 6.50 -1.74
CA GLU B 493 -37.56 5.14 -1.23
C GLU B 493 -36.25 4.47 -0.78
N GLU B 494 -35.18 4.69 -1.53
CA GLU B 494 -33.86 4.10 -1.24
C GLU B 494 -33.04 4.93 -0.24
N SER B 495 -33.64 6.00 0.27
CA SER B 495 -33.00 6.91 1.24
C SER B 495 -31.76 7.60 0.68
N LEU B 496 -31.84 8.05 -0.57
CA LEU B 496 -30.75 8.79 -1.20
C LEU B 496 -31.02 10.29 -1.16
N ILE B 497 -32.28 10.64 -0.95
CA ILE B 497 -32.72 12.03 -0.92
C ILE B 497 -33.96 12.17 -0.03
N GLU B 498 -34.17 13.38 0.50
CA GLU B 498 -35.33 13.67 1.34
C GLU B 498 -36.15 14.83 0.76
N SER B 499 -37.37 15.00 1.28
CA SER B 499 -38.25 16.08 0.83
C SER B 499 -37.64 17.44 1.10
N GLY B 500 -37.74 18.34 0.11
CA GLY B 500 -37.17 19.67 0.24
C GLY B 500 -35.75 19.77 -0.29
N ASP B 501 -35.07 18.63 -0.36
CA ASP B 501 -33.70 18.56 -0.91
C ASP B 501 -33.67 18.88 -2.39
N PHE B 502 -32.56 19.48 -2.82
CA PHE B 502 -32.34 19.78 -4.23
C PHE B 502 -31.68 18.62 -4.95
N ALA B 503 -31.98 18.51 -6.24
CA ALA B 503 -31.30 17.61 -7.14
C ALA B 503 -31.09 18.33 -8.47
N ILE B 504 -29.95 18.09 -9.10
CA ILE B 504 -29.70 18.61 -10.43
C ILE B 504 -30.19 17.57 -11.42
N ALA B 505 -31.00 18.00 -12.38
CA ALA B 505 -31.48 17.11 -13.43
C ALA B 505 -30.85 17.52 -14.74
N VAL B 506 -30.29 16.53 -15.44
CA VAL B 506 -29.62 16.74 -16.72
C VAL B 506 -30.18 15.79 -17.78
N HIS B 507 -30.60 16.34 -18.92
CA HIS B 507 -31.04 15.52 -20.04
C HIS B 507 -30.88 16.18 -21.37
N ASN B 518 -27.63 18.23 -23.27
CA ASN B 518 -27.68 19.66 -23.71
C ASN B 518 -28.45 20.60 -22.77
N LEU B 519 -29.09 20.02 -21.75
CA LEU B 519 -29.99 20.77 -20.86
C LEU B 519 -29.76 20.44 -19.38
N MET B 520 -29.90 21.46 -18.53
CA MET B 520 -29.71 21.31 -17.08
C MET B 520 -30.73 22.13 -16.29
N LYS B 521 -31.28 21.52 -15.25
CA LYS B 521 -32.19 22.23 -14.33
C LYS B 521 -32.00 21.79 -12.89
N ILE B 522 -32.53 22.59 -11.97
CA ILE B 522 -32.48 22.27 -10.54
C ILE B 522 -33.91 22.10 -10.03
N VAL B 523 -34.18 20.94 -9.46
CA VAL B 523 -35.51 20.61 -8.94
C VAL B 523 -35.46 20.35 -7.43
N ARG B 524 -36.61 20.51 -6.79
CA ARG B 524 -36.75 20.17 -5.37
C ARG B 524 -37.49 18.84 -5.23
N CYS B 525 -36.97 17.97 -4.39
CA CYS B 525 -37.61 16.67 -4.14
C CYS B 525 -38.91 16.87 -3.37
N PRO B 526 -40.04 16.41 -3.95
CA PRO B 526 -41.35 16.54 -3.30
C PRO B 526 -41.44 15.78 -1.99
S SO4 C . 22.15 26.04 14.89
O1 SO4 C . 23.23 26.90 14.36
O2 SO4 C . 21.45 25.40 13.75
O3 SO4 C . 22.72 24.99 15.76
O4 SO4 C . 21.20 26.84 15.69
S SO4 D . 25.25 10.35 5.95
O1 SO4 D . 26.56 10.74 5.40
O2 SO4 D . 24.23 10.38 4.88
O3 SO4 D . 25.36 8.97 6.48
O4 SO4 D . 24.87 11.29 7.03
C1 GOL E . 6.94 -2.56 19.10
O1 GOL E . 5.64 -2.93 19.56
C2 GOL E . 7.73 -3.78 18.62
O2 GOL E . 7.65 -4.84 19.58
C3 GOL E . 7.18 -4.25 17.27
O3 GOL E . 7.72 -3.45 16.20
C1 GOL F . 29.58 13.18 21.62
O1 GOL F . 28.50 13.24 22.57
C2 GOL F . 29.95 11.73 21.44
O2 GOL F . 28.78 11.06 20.98
C3 GOL F . 31.05 11.56 20.41
O3 GOL F . 31.04 10.20 19.95
C ACT G . 10.76 -6.38 15.74
O ACT G . 9.97 -5.62 16.34
OXT ACT G . 10.67 -6.56 14.51
CH3 ACT G . 11.85 -7.09 16.49
C ACT H . 13.35 -12.92 23.03
O ACT H . 13.00 -12.41 24.12
OXT ACT H . 12.54 -13.12 22.10
CH3 ACT H . 14.80 -13.29 22.83
C ACT I . 30.55 1.49 24.44
O ACT I . 30.05 0.88 23.47
OXT ACT I . 29.96 2.43 25.01
CH3 ACT I . 31.91 1.09 24.93
S SO4 J . -26.28 10.96 -23.62
O1 SO4 J . -27.63 11.39 -23.21
O2 SO4 J . -25.52 10.54 -22.41
O3 SO4 J . -26.41 9.81 -24.55
O4 SO4 J . -25.57 12.05 -24.30
S SO4 K . -26.39 0.06 -8.27
O1 SO4 K . -27.85 0.11 -8.03
O2 SO4 K . -25.70 0.66 -7.11
O3 SO4 K . -25.96 -1.35 -8.45
O4 SO4 K . -26.09 0.85 -9.50
C1 GOL L . -4.88 -11.54 -15.33
O1 GOL L . -3.49 -11.48 -15.67
C2 GOL L . -5.25 -12.89 -14.72
O2 GOL L . -4.63 -13.97 -15.41
C3 GOL L . -4.86 -12.92 -13.24
O3 GOL L . -5.87 -12.24 -12.46
C1 GOL M . -31.10 -6.35 -21.85
O1 GOL M . -30.73 -7.72 -21.94
C2 GOL M . -30.65 -5.56 -23.07
O2 GOL M . -30.59 -4.17 -22.78
C3 GOL M . -29.25 -5.96 -23.49
O3 GOL M . -28.96 -5.39 -24.77
C ACT N . -8.08 -14.95 -10.94
O ACT N . -7.61 -14.11 -11.74
OXT ACT N . -8.14 -14.71 -9.71
CH3 ACT N . -8.57 -16.27 -11.44
C ACT O . -8.25 -24.40 -14.73
O ACT O . -8.34 -24.80 -15.91
OXT ACT O . -7.22 -23.84 -14.30
CH3 ACT O . -9.41 -24.59 -13.81
C ACT P . -10.75 26.90 -15.21
O ACT P . -10.49 26.06 -16.11
OXT ACT P . -10.43 26.70 -14.02
CH3 ACT P . -11.47 28.16 -15.58
#